data_5O76
#
_entry.id   5O76
#
_cell.length_a   94.790
_cell.length_b   101.281
_cell.length_c   117.339
_cell.angle_alpha   90.00
_cell.angle_beta   90.00
_cell.angle_gamma   90.00
#
_symmetry.space_group_name_H-M   'P 21 21 21'
#
loop_
_entity.id
_entity.type
_entity.pdbx_description
1 polymer 'E3 ubiquitin-protein ligase CBL'
2 polymer 'Tyrosine protein kinase ZAP70 peptide'
3 polymer 'UbV.pCBL ubiquitin variant'
4 non-polymer 'ZINC ION'
5 non-polymer 'CALCIUM ION'
6 water water
#
loop_
_entity_poly.entity_id
_entity_poly.type
_entity_poly.pdbx_seq_one_letter_code
_entity_poly.pdbx_strand_id
1 'polypeptide(L)'
;GSPPGTVDKKMVEKCWKLMDKVVRLCQNPKLALKNSPPYILDLLPDTYQHLRTILSRYEGKMETLGENEYFRVFMENLMK
KTKQTISLFKEGKERMYEENSQPRRNLTKLSLIFSHMLAELKGIFPSGLFQGDTFRITKADAAEFWRKAFGEKTIVPWKS
FRQALHEVHPISSGLEAMALKSTIDLTCNDYISVFEFDIFTRLFQPWSSLLRNWNSLAVTHPGYMAFLTYDEVKARLQKF
IHKPGSYIFRLSCTRLGQWAIGYVTADGNILQTIPHNKPLFQALIDGFREGFYLFPDGRNQNPDLTGLCEPTPQDHIKVT
QEQFEL(PTR)CEMGSTFQLCKICAENDKDVKIEPCGHLMCTSCLTSWQESEGQGCPFCRCEIKGTEPIVVDPFD
;
A,C
2 'polypeptide(L)' TLNSDG(PTR)TPEPA B,D
3 'polypeptide(L)'
;GSGGSMHIFVKTGIGPIISLEVEPSDTIENVKAKIQDKEGIPPDQQRLIFVGKQLEDGRTLSDYNIRKASYLYLVLRLHR
SS
;
E,F
#
loop_
_chem_comp.id
_chem_comp.type
_chem_comp.name
_chem_comp.formula
CA non-polymer 'CALCIUM ION' 'Ca 2'
ZN non-polymer 'ZINC ION' 'Zn 2'
#
# COMPACT_ATOMS: atom_id res chain seq x y z
N THR A 6 -19.80 -8.89 44.98
CA THR A 6 -20.59 -9.91 44.29
C THR A 6 -21.40 -9.27 43.16
N VAL A 7 -21.20 -9.76 41.93
CA VAL A 7 -21.88 -9.24 40.74
C VAL A 7 -23.12 -10.07 40.39
N ASP A 8 -24.30 -9.43 40.50
CA ASP A 8 -25.62 -10.01 40.22
C ASP A 8 -26.17 -9.45 38.89
N LYS A 9 -27.46 -9.68 38.58
CA LYS A 9 -28.08 -9.19 37.35
C LYS A 9 -28.35 -7.67 37.41
N LYS A 10 -28.93 -7.19 38.52
CA LYS A 10 -29.29 -5.78 38.74
C LYS A 10 -28.07 -4.84 38.76
N MET A 11 -26.93 -5.28 39.34
CA MET A 11 -25.70 -4.48 39.41
C MET A 11 -25.14 -4.14 38.02
N VAL A 12 -25.12 -5.13 37.10
CA VAL A 12 -24.64 -4.98 35.74
C VAL A 12 -25.56 -4.05 34.95
N GLU A 13 -26.89 -4.23 35.10
CA GLU A 13 -27.93 -3.42 34.46
C GLU A 13 -27.83 -1.96 34.89
N LYS A 14 -27.53 -1.73 36.19
CA LYS A 14 -27.37 -0.39 36.75
C LYS A 14 -26.15 0.29 36.14
N CYS A 15 -25.03 -0.46 35.96
CA CYS A 15 -23.79 0.02 35.35
C CYS A 15 -24.06 0.54 33.94
N TRP A 16 -24.78 -0.26 33.13
CA TRP A 16 -25.15 0.05 31.75
C TRP A 16 -26.03 1.30 31.63
N LYS A 17 -26.94 1.52 32.60
CA LYS A 17 -27.83 2.69 32.66
C LYS A 17 -27.02 3.97 32.92
N LEU A 18 -25.95 3.85 33.74
CA LEU A 18 -25.03 4.94 34.07
C LEU A 18 -24.16 5.20 32.85
N MET A 19 -23.69 4.13 32.19
CA MET A 19 -22.87 4.19 30.98
C MET A 19 -23.61 4.95 29.89
N ASP A 20 -24.93 4.67 29.72
CA ASP A 20 -25.81 5.33 28.76
C ASP A 20 -25.93 6.81 29.03
N LYS A 21 -26.00 7.22 30.32
CA LYS A 21 -26.09 8.62 30.71
C LYS A 21 -24.82 9.40 30.32
N VAL A 22 -23.63 8.77 30.50
CA VAL A 22 -22.33 9.35 30.14
C VAL A 22 -22.26 9.55 28.62
N VAL A 23 -22.79 8.58 27.84
CA VAL A 23 -22.83 8.66 26.38
C VAL A 23 -23.70 9.84 25.94
N ARG A 24 -24.89 10.01 26.56
CA ARG A 24 -25.83 11.11 26.29
C ARG A 24 -25.21 12.48 26.55
N LEU A 25 -24.40 12.60 27.63
CA LEU A 25 -23.70 13.83 28.01
C LEU A 25 -22.59 14.18 27.03
N CYS A 26 -21.84 13.16 26.55
CA CYS A 26 -20.75 13.33 25.59
C CYS A 26 -21.26 13.56 24.16
N GLN A 27 -22.48 13.06 23.85
CA GLN A 27 -23.11 13.21 22.53
C GLN A 27 -23.53 14.65 22.22
N ASN A 28 -23.45 15.54 23.24
CA ASN A 28 -23.79 16.97 23.13
C ASN A 28 -22.87 17.66 22.11
N PRO A 29 -23.43 18.25 21.01
CA PRO A 29 -22.59 18.90 20.00
C PRO A 29 -21.88 20.17 20.48
N LYS A 30 -22.28 20.67 21.67
CA LYS A 30 -21.70 21.86 22.31
C LYS A 30 -20.28 21.57 22.84
N LEU A 31 -19.94 20.28 23.08
CA LEU A 31 -18.62 19.87 23.56
C LEU A 31 -17.58 19.82 22.43
N ALA A 32 -18.04 19.49 21.19
CA ALA A 32 -17.25 19.40 19.96
C ALA A 32 -15.91 18.64 20.11
N LEU A 33 -15.93 17.58 20.94
CA LEU A 33 -14.77 16.73 21.25
C LEU A 33 -14.23 15.99 20.02
N LYS A 34 -12.90 15.79 19.96
CA LYS A 34 -12.24 15.13 18.84
C LYS A 34 -12.39 13.62 18.86
N ASN A 35 -12.58 13.04 17.65
CA ASN A 35 -12.77 11.61 17.38
C ASN A 35 -11.54 10.75 17.78
N SER A 36 -10.35 11.36 17.84
CA SER A 36 -9.07 10.72 18.19
C SER A 36 -9.06 10.04 19.58
N PRO A 37 -8.37 8.87 19.72
CA PRO A 37 -8.36 8.19 21.03
C PRO A 37 -7.65 8.98 22.15
N PRO A 38 -8.11 8.88 23.43
CA PRO A 38 -9.25 8.09 23.92
C PRO A 38 -10.60 8.77 23.71
N TYR A 39 -11.42 8.17 22.83
CA TYR A 39 -12.76 8.62 22.46
C TYR A 39 -13.79 7.79 23.24
N ILE A 40 -14.35 8.40 24.30
CA ILE A 40 -15.32 7.82 25.22
C ILE A 40 -16.62 7.35 24.54
N LEU A 41 -17.08 8.06 23.48
CA LEU A 41 -18.29 7.72 22.72
C LEU A 41 -18.16 6.39 21.95
N ASP A 42 -16.92 5.87 21.86
CA ASP A 42 -16.57 4.59 21.24
C ASP A 42 -16.21 3.59 22.33
N LEU A 43 -15.51 4.05 23.40
CA LEU A 43 -15.04 3.23 24.52
C LEU A 43 -16.16 2.61 25.35
N LEU A 44 -17.14 3.41 25.80
CA LEU A 44 -18.26 2.92 26.62
C LEU A 44 -19.13 1.92 25.84
N PRO A 45 -19.65 2.19 24.61
CA PRO A 45 -20.37 1.14 23.87
C PRO A 45 -19.56 -0.15 23.64
N ASP A 46 -18.22 -0.02 23.50
CA ASP A 46 -17.31 -1.17 23.33
C ASP A 46 -17.19 -1.99 24.63
N THR A 47 -17.27 -1.31 25.78
CA THR A 47 -17.25 -1.95 27.10
C THR A 47 -18.56 -2.72 27.34
N TYR A 48 -19.71 -2.23 26.79
N TYR A 48 -19.69 -2.24 26.81
CA TYR A 48 -21.05 -2.87 26.88
CA TYR A 48 -21.00 -2.86 26.93
C TYR A 48 -20.94 -4.25 26.27
C TYR A 48 -21.05 -4.23 26.21
N GLN A 49 -20.45 -4.29 25.00
CA GLN A 49 -20.35 -5.49 24.16
C GLN A 49 -19.45 -6.57 24.73
N HIS A 50 -18.29 -6.21 25.26
CA HIS A 50 -17.37 -7.18 25.85
C HIS A 50 -17.96 -7.79 27.13
N LEU A 51 -18.65 -6.96 27.94
CA LEU A 51 -19.33 -7.44 29.15
C LEU A 51 -20.45 -8.39 28.75
N ARG A 52 -21.22 -8.03 27.70
CA ARG A 52 -22.29 -8.86 27.13
C ARG A 52 -21.73 -10.19 26.62
N THR A 53 -20.52 -10.17 26.04
CA THR A 53 -19.80 -11.36 25.55
C THR A 53 -19.43 -12.28 26.71
N ILE A 54 -19.02 -11.70 27.86
CA ILE A 54 -18.67 -12.42 29.09
C ILE A 54 -19.88 -13.18 29.63
N LEU A 55 -21.03 -12.47 29.75
CA LEU A 55 -22.30 -12.99 30.26
C LEU A 55 -22.83 -14.15 29.44
N SER A 56 -22.68 -14.10 28.10
CA SER A 56 -23.11 -15.16 27.20
C SER A 56 -22.20 -16.39 27.32
N ARG A 57 -20.93 -16.20 27.72
CA ARG A 57 -19.97 -17.28 27.94
C ARG A 57 -20.20 -17.94 29.31
N TYR A 58 -20.84 -17.19 30.24
CA TYR A 58 -21.13 -17.63 31.60
C TYR A 58 -22.63 -17.85 31.88
N GLU A 59 -23.46 -18.01 30.82
CA GLU A 59 -24.90 -18.25 30.96
C GLU A 59 -25.11 -19.60 31.67
N GLY A 60 -25.72 -19.52 32.85
CA GLY A 60 -25.95 -20.66 33.73
C GLY A 60 -24.90 -20.75 34.83
N LYS A 61 -23.64 -20.46 34.47
CA LYS A 61 -22.46 -20.47 35.36
C LYS A 61 -22.21 -19.07 35.98
N MET A 62 -23.30 -18.37 36.35
CA MET A 62 -23.26 -17.02 36.93
C MET A 62 -22.75 -16.99 38.39
N GLU A 63 -22.62 -18.17 39.03
CA GLU A 63 -22.09 -18.31 40.40
C GLU A 63 -20.57 -18.15 40.36
N THR A 64 -19.93 -18.72 39.31
CA THR A 64 -18.49 -18.68 39.05
C THR A 64 -18.05 -17.26 38.69
N LEU A 65 -18.83 -16.56 37.83
CA LEU A 65 -18.56 -15.20 37.38
C LEU A 65 -18.81 -14.17 38.48
N GLY A 66 -19.91 -14.34 39.21
CA GLY A 66 -20.33 -13.45 40.30
C GLY A 66 -19.31 -13.36 41.42
N GLU A 67 -18.81 -14.53 41.87
CA GLU A 67 -17.82 -14.63 42.94
C GLU A 67 -16.37 -14.35 42.50
N ASN A 68 -16.13 -14.13 41.17
CA ASN A 68 -14.80 -13.83 40.62
C ASN A 68 -14.30 -12.47 41.11
N GLU A 69 -13.17 -12.47 41.84
CA GLU A 69 -12.56 -11.28 42.45
C GLU A 69 -12.32 -10.13 41.47
N TYR A 70 -11.58 -10.39 40.36
CA TYR A 70 -11.30 -9.37 39.33
C TYR A 70 -12.56 -8.74 38.76
N PHE A 71 -13.59 -9.57 38.44
CA PHE A 71 -14.85 -9.09 37.87
C PHE A 71 -15.62 -8.22 38.84
N ARG A 72 -15.58 -8.56 40.15
CA ARG A 72 -16.23 -7.79 41.21
C ARG A 72 -15.59 -6.41 41.28
N VAL A 73 -14.25 -6.36 41.32
CA VAL A 73 -13.42 -5.16 41.39
C VAL A 73 -13.63 -4.27 40.16
N PHE A 74 -13.58 -4.87 38.93
CA PHE A 74 -13.77 -4.15 37.66
C PHE A 74 -15.13 -3.49 37.63
N MET A 75 -16.20 -4.25 37.98
CA MET A 75 -17.58 -3.75 37.99
C MET A 75 -17.77 -2.63 38.99
N GLU A 76 -17.15 -2.75 40.18
CA GLU A 76 -17.17 -1.75 41.25
C GLU A 76 -16.52 -0.46 40.74
N ASN A 77 -15.37 -0.58 40.05
CA ASN A 77 -14.62 0.54 39.48
C ASN A 77 -15.34 1.16 38.28
N LEU A 78 -16.06 0.35 37.47
CA LEU A 78 -16.81 0.83 36.32
C LEU A 78 -17.94 1.75 36.76
N MET A 79 -18.73 1.31 37.77
CA MET A 79 -19.82 2.13 38.31
C MET A 79 -19.27 3.45 38.88
N LYS A 80 -18.15 3.37 39.64
CA LYS A 80 -17.48 4.52 40.26
C LYS A 80 -16.99 5.54 39.23
N LYS A 81 -16.28 5.07 38.19
CA LYS A 81 -15.74 5.89 37.10
C LYS A 81 -16.83 6.52 36.24
N THR A 82 -17.95 5.80 36.03
CA THR A 82 -19.08 6.30 35.25
C THR A 82 -19.84 7.38 36.01
N LYS A 83 -20.04 7.16 37.34
CA LYS A 83 -20.71 8.11 38.24
C LYS A 83 -19.87 9.39 38.43
N GLN A 84 -18.52 9.24 38.44
CA GLN A 84 -17.55 10.33 38.59
C GLN A 84 -17.67 11.28 37.41
N THR A 85 -17.88 10.72 36.20
CA THR A 85 -18.08 11.43 34.95
C THR A 85 -19.42 12.15 34.99
N ILE A 86 -20.48 11.47 35.52
CA ILE A 86 -21.83 12.03 35.67
C ILE A 86 -21.80 13.26 36.55
N SER A 87 -21.06 13.21 37.69
CA SER A 87 -20.91 14.33 38.62
C SER A 87 -20.10 15.46 37.99
N LEU A 88 -19.06 15.12 37.21
CA LEU A 88 -18.17 16.04 36.50
C LEU A 88 -18.95 16.97 35.56
N PHE A 89 -19.97 16.43 34.88
CA PHE A 89 -20.83 17.23 33.99
C PHE A 89 -21.78 18.11 34.80
N LYS A 90 -22.27 17.59 35.96
CA LYS A 90 -23.19 18.29 36.86
C LYS A 90 -22.54 19.49 37.54
N GLU A 91 -21.30 19.33 38.06
CA GLU A 91 -20.55 20.41 38.72
C GLU A 91 -19.74 21.17 37.67
N GLY A 92 -20.15 22.41 37.41
CA GLY A 92 -19.52 23.25 36.40
C GLY A 92 -19.94 22.82 35.01
N LYS A 93 -21.24 22.98 34.70
CA LYS A 93 -21.88 22.60 33.44
C LYS A 93 -21.29 23.33 32.22
N GLU A 94 -21.14 24.67 32.31
CA GLU A 94 -20.58 25.49 31.22
C GLU A 94 -19.09 25.26 30.99
N ARG A 95 -18.35 24.87 32.05
CA ARG A 95 -16.91 24.58 31.98
C ARG A 95 -16.60 23.35 31.11
N MET A 96 -17.63 22.53 30.79
CA MET A 96 -17.53 21.35 29.93
C MET A 96 -17.28 21.73 28.46
N TYR A 97 -17.65 22.98 28.09
CA TYR A 97 -17.50 23.50 26.73
C TYR A 97 -16.24 24.37 26.58
N GLU A 98 -15.56 24.68 27.71
CA GLU A 98 -14.32 25.45 27.75
C GLU A 98 -13.18 24.49 27.40
N GLU A 99 -12.61 24.67 26.20
CA GLU A 99 -11.55 23.87 25.54
C GLU A 99 -10.47 23.26 26.44
N ASN A 100 -9.78 24.08 27.27
CA ASN A 100 -8.70 23.61 28.12
C ASN A 100 -8.93 23.88 29.63
N SER A 101 -10.20 23.84 30.06
CA SER A 101 -10.56 24.05 31.47
C SER A 101 -10.26 22.81 32.29
N GLN A 102 -10.13 22.99 33.63
CA GLN A 102 -9.86 21.90 34.57
C GLN A 102 -10.90 20.76 34.48
N PRO A 103 -12.24 21.02 34.49
CA PRO A 103 -13.19 19.90 34.35
C PRO A 103 -13.12 19.18 33.01
N ARG A 104 -12.72 19.87 31.93
CA ARG A 104 -12.56 19.29 30.58
C ARG A 104 -11.32 18.38 30.53
N ARG A 105 -10.23 18.79 31.21
CA ARG A 105 -8.98 18.01 31.31
C ARG A 105 -9.22 16.71 32.08
N ASN A 106 -10.21 16.71 33.00
CA ASN A 106 -10.62 15.57 33.82
C ASN A 106 -11.38 14.54 33.00
N LEU A 107 -12.16 15.01 32.01
CA LEU A 107 -12.92 14.15 31.10
C LEU A 107 -11.92 13.40 30.20
N THR A 108 -10.84 14.08 29.78
CA THR A 108 -9.77 13.51 28.96
C THR A 108 -9.01 12.46 29.78
N LYS A 109 -8.85 12.72 31.09
CA LYS A 109 -8.19 11.82 32.03
C LYS A 109 -9.06 10.58 32.27
N LEU A 110 -10.38 10.77 32.47
CA LEU A 110 -11.34 9.69 32.66
C LEU A 110 -11.49 8.81 31.42
N SER A 111 -11.40 9.43 30.21
CA SER A 111 -11.46 8.73 28.93
C SER A 111 -10.28 7.78 28.80
N LEU A 112 -9.08 8.22 29.25
CA LEU A 112 -7.85 7.42 29.25
C LEU A 112 -8.04 6.21 30.15
N ILE A 113 -8.66 6.42 31.33
CA ILE A 113 -8.93 5.37 32.30
C ILE A 113 -9.87 4.31 31.71
N PHE A 114 -10.97 4.73 31.03
CA PHE A 114 -11.89 3.80 30.38
C PHE A 114 -11.19 2.96 29.31
N SER A 115 -10.25 3.58 28.56
CA SER A 115 -9.42 2.94 27.53
C SER A 115 -8.53 1.85 28.18
N HIS A 116 -7.86 2.17 29.32
CA HIS A 116 -7.03 1.22 30.06
C HIS A 116 -7.89 0.08 30.64
N MET A 117 -9.05 0.43 31.21
CA MET A 117 -10.04 -0.46 31.79
C MET A 117 -10.55 -1.45 30.74
N LEU A 118 -10.88 -0.95 29.51
CA LEU A 118 -11.34 -1.79 28.41
C LEU A 118 -10.26 -2.75 27.94
N ALA A 119 -9.01 -2.26 27.78
CA ALA A 119 -7.89 -3.09 27.35
C ALA A 119 -7.60 -4.17 28.39
N GLU A 120 -7.77 -3.82 29.69
CA GLU A 120 -7.55 -4.74 30.80
C GLU A 120 -8.61 -5.84 30.79
N LEU A 121 -9.90 -5.45 30.63
CA LEU A 121 -11.02 -6.38 30.55
C LEU A 121 -10.83 -7.37 29.37
N LYS A 122 -10.38 -6.87 28.20
CA LYS A 122 -10.12 -7.70 27.02
C LYS A 122 -8.90 -8.63 27.22
N GLY A 123 -7.94 -8.17 28.02
CA GLY A 123 -6.73 -8.93 28.32
C GLY A 123 -6.96 -10.05 29.32
N ILE A 124 -7.83 -9.80 30.32
CA ILE A 124 -8.18 -10.74 31.39
C ILE A 124 -9.31 -11.68 30.98
N PHE A 125 -10.26 -11.19 30.18
CA PHE A 125 -11.37 -11.99 29.70
C PHE A 125 -11.33 -12.06 28.15
N PRO A 126 -10.31 -12.70 27.50
CA PRO A 126 -10.32 -12.74 26.03
C PRO A 126 -11.45 -13.66 25.55
N SER A 127 -12.19 -13.20 24.52
CA SER A 127 -13.35 -13.88 23.94
C SER A 127 -14.45 -14.16 24.98
N GLY A 128 -14.47 -13.35 26.04
CA GLY A 128 -15.45 -13.42 27.13
C GLY A 128 -15.18 -14.42 28.24
N LEU A 129 -14.17 -15.28 28.09
CA LEU A 129 -13.81 -16.30 29.08
C LEU A 129 -12.64 -15.84 29.94
N PHE A 130 -12.69 -16.11 31.26
CA PHE A 130 -11.63 -15.74 32.21
C PHE A 130 -10.32 -16.50 31.98
N GLN A 131 -9.24 -15.74 31.69
CA GLN A 131 -7.90 -16.28 31.45
C GLN A 131 -6.84 -15.58 32.31
N GLY A 132 -7.28 -14.85 33.32
CA GLY A 132 -6.43 -14.09 34.25
C GLY A 132 -5.44 -14.93 35.04
N ASP A 133 -5.88 -16.12 35.48
CA ASP A 133 -5.07 -17.06 36.25
C ASP A 133 -3.94 -17.66 35.40
N THR A 134 -4.15 -17.69 34.07
CA THR A 134 -3.19 -18.20 33.10
C THR A 134 -2.63 -17.07 32.23
N PHE A 135 -2.72 -15.80 32.70
CA PHE A 135 -2.21 -14.65 31.96
C PHE A 135 -0.72 -14.80 31.77
N ARG A 136 -0.26 -14.62 30.53
CA ARG A 136 1.15 -14.75 30.18
C ARG A 136 1.90 -13.42 30.28
N ILE A 137 2.68 -13.26 31.36
CA ILE A 137 3.52 -12.08 31.58
C ILE A 137 4.68 -12.19 30.57
N THR A 138 4.94 -11.10 29.82
CA THR A 138 5.94 -11.03 28.74
C THR A 138 7.37 -11.37 29.20
N LYS A 139 7.98 -10.52 30.05
CA LYS A 139 9.35 -10.72 30.54
C LYS A 139 9.41 -11.85 31.56
N ALA A 140 10.38 -12.76 31.39
CA ALA A 140 10.58 -13.94 32.23
C ALA A 140 10.81 -13.64 33.71
N ASP A 141 11.77 -12.75 34.04
CA ASP A 141 12.11 -12.36 35.41
C ASP A 141 10.94 -11.70 36.13
N ALA A 142 10.10 -10.96 35.37
CA ALA A 142 8.90 -10.31 35.87
C ALA A 142 7.86 -11.38 36.24
N ALA A 143 7.63 -12.36 35.33
CA ALA A 143 6.70 -13.47 35.50
C ALA A 143 7.04 -14.32 36.73
N GLU A 144 8.34 -14.56 36.95
CA GLU A 144 8.84 -15.32 38.10
C GLU A 144 8.59 -14.57 39.41
N PHE A 145 8.61 -13.21 39.38
CA PHE A 145 8.33 -12.40 40.57
C PHE A 145 6.87 -12.51 40.97
N TRP A 146 5.96 -12.36 40.00
CA TRP A 146 4.51 -12.44 40.21
C TRP A 146 4.09 -13.83 40.70
N ARG A 147 4.70 -14.91 40.14
CA ARG A 147 4.40 -16.29 40.55
C ARG A 147 4.86 -16.57 41.97
N LYS A 148 6.11 -16.22 42.34
CA LYS A 148 6.63 -16.45 43.69
C LYS A 148 5.90 -15.63 44.77
N ALA A 149 5.51 -14.39 44.44
CA ALA A 149 4.82 -13.48 45.37
C ALA A 149 3.31 -13.67 45.45
N PHE A 150 2.65 -13.89 44.29
CA PHE A 150 1.18 -13.97 44.23
C PHE A 150 0.61 -15.24 43.57
N GLY A 151 1.45 -16.03 42.90
CA GLY A 151 1.02 -17.26 42.24
C GLY A 151 0.23 -17.02 40.98
N GLU A 152 -1.04 -17.44 40.99
CA GLU A 152 -1.96 -17.30 39.85
C GLU A 152 -3.00 -16.19 40.06
N LYS A 153 -2.80 -15.35 41.10
CA LYS A 153 -3.69 -14.23 41.39
C LYS A 153 -3.68 -13.23 40.23
N THR A 154 -4.88 -12.81 39.81
CA THR A 154 -5.09 -11.88 38.70
C THR A 154 -4.89 -10.43 39.16
N ILE A 155 -5.43 -10.11 40.34
CA ILE A 155 -5.36 -8.78 40.92
C ILE A 155 -4.97 -8.86 42.39
N VAL A 156 -4.17 -7.88 42.86
CA VAL A 156 -3.73 -7.79 44.25
C VAL A 156 -3.78 -6.33 44.72
N PRO A 157 -4.10 -6.06 46.01
CA PRO A 157 -4.15 -4.65 46.45
C PRO A 157 -2.77 -3.99 46.42
N TRP A 158 -2.74 -2.66 46.17
CA TRP A 158 -1.52 -1.86 46.11
C TRP A 158 -0.53 -2.17 47.24
N LYS A 159 -1.00 -2.13 48.52
CA LYS A 159 -0.12 -2.38 49.65
C LYS A 159 0.51 -3.78 49.62
N SER A 160 -0.22 -4.79 49.11
CA SER A 160 0.30 -6.16 48.96
C SER A 160 1.32 -6.20 47.82
N PHE A 161 1.10 -5.43 46.74
CA PHE A 161 2.04 -5.35 45.61
C PHE A 161 3.32 -4.62 46.03
N ARG A 162 3.17 -3.52 46.76
CA ARG A 162 4.29 -2.70 47.23
C ARG A 162 5.21 -3.47 48.18
N GLN A 163 4.66 -4.28 49.10
CA GLN A 163 5.47 -5.06 50.04
C GLN A 163 6.25 -6.20 49.34
N ALA A 164 5.68 -6.82 48.30
CA ALA A 164 6.35 -7.89 47.54
C ALA A 164 7.49 -7.32 46.70
N LEU A 165 7.22 -6.19 46.00
CA LEU A 165 8.19 -5.51 45.16
C LEU A 165 9.37 -4.98 45.96
N HIS A 166 9.10 -4.37 47.12
CA HIS A 166 10.13 -3.83 48.04
C HIS A 166 11.18 -4.87 48.46
N GLU A 167 10.82 -6.18 48.47
CA GLU A 167 11.71 -7.29 48.81
C GLU A 167 12.77 -7.55 47.74
N VAL A 168 12.43 -7.33 46.47
CA VAL A 168 13.30 -7.55 45.31
C VAL A 168 13.95 -6.23 44.86
N HIS A 169 13.13 -5.18 44.71
CA HIS A 169 13.56 -3.83 44.32
C HIS A 169 13.11 -2.84 45.37
N PRO A 170 13.99 -2.52 46.36
CA PRO A 170 13.58 -1.59 47.43
C PRO A 170 13.12 -0.22 46.96
N ILE A 171 12.14 0.35 47.67
CA ILE A 171 11.58 1.66 47.38
C ILE A 171 12.08 2.64 48.42
N SER A 172 12.78 3.69 47.94
CA SER A 172 13.44 4.75 48.71
C SER A 172 12.54 5.51 49.67
N SER A 173 11.34 5.93 49.22
CA SER A 173 10.44 6.75 50.02
C SER A 173 8.97 6.60 49.61
N GLY A 174 8.09 7.21 50.41
CA GLY A 174 6.65 7.28 50.15
C GLY A 174 6.37 8.10 48.91
N LEU A 175 7.20 9.13 48.67
CA LEU A 175 7.16 10.00 47.48
C LEU A 175 7.41 9.16 46.24
N GLU A 176 8.41 8.25 46.29
CA GLU A 176 8.75 7.34 45.21
C GLU A 176 7.64 6.29 45.02
N ALA A 177 7.12 5.73 46.14
CA ALA A 177 6.04 4.74 46.14
C ALA A 177 4.76 5.29 45.53
N MET A 178 4.43 6.55 45.84
CA MET A 178 3.22 7.16 45.34
C MET A 178 3.33 7.51 43.84
N ALA A 179 4.56 7.84 43.37
CA ALA A 179 4.87 8.11 41.97
C ALA A 179 4.83 6.80 41.20
N LEU A 180 5.39 5.73 41.81
CA LEU A 180 5.39 4.38 41.27
C LEU A 180 3.96 3.87 41.12
N LYS A 181 3.10 4.14 42.12
CA LYS A 181 1.67 3.78 42.13
C LYS A 181 0.94 4.49 40.97
N SER A 182 1.26 5.77 40.74
CA SER A 182 0.65 6.61 39.71
C SER A 182 0.86 6.06 38.30
N THR A 183 2.08 5.58 37.99
CA THR A 183 2.43 5.03 36.68
C THR A 183 1.87 3.61 36.45
N ILE A 184 1.94 2.72 37.46
CA ILE A 184 1.48 1.33 37.30
C ILE A 184 -0.05 1.16 37.42
N ASP A 185 -0.72 1.85 38.38
CA ASP A 185 -2.18 1.75 38.56
C ASP A 185 -2.92 2.54 37.46
N LEU A 186 -3.10 1.91 36.30
CA LEU A 186 -3.75 2.53 35.14
C LEU A 186 -5.24 2.70 35.29
N THR A 187 -5.90 1.74 35.96
CA THR A 187 -7.35 1.74 36.15
C THR A 187 -7.80 2.59 37.35
N CYS A 188 -6.84 3.14 38.14
CA CYS A 188 -7.06 4.00 39.31
C CYS A 188 -8.07 3.41 40.29
N ASN A 189 -7.78 2.21 40.80
CA ASN A 189 -8.67 1.52 41.72
C ASN A 189 -7.97 1.01 42.98
N ASP A 190 -6.68 1.38 43.16
CA ASP A 190 -5.84 1.00 44.31
C ASP A 190 -5.51 -0.51 44.35
N TYR A 191 -5.70 -1.19 43.23
CA TYR A 191 -5.37 -2.60 43.01
C TYR A 191 -4.41 -2.63 41.82
N ILE A 192 -3.48 -3.59 41.80
CA ILE A 192 -2.54 -3.80 40.70
C ILE A 192 -2.87 -5.16 40.07
N SER A 193 -3.19 -5.16 38.77
CA SER A 193 -3.51 -6.39 38.06
C SER A 193 -2.27 -6.95 37.36
N VAL A 194 -2.34 -8.21 36.93
CA VAL A 194 -1.27 -8.90 36.22
C VAL A 194 -1.04 -8.25 34.85
N PHE A 195 -2.11 -7.68 34.28
CA PHE A 195 -2.11 -6.94 33.01
C PHE A 195 -1.34 -5.61 33.19
N GLU A 196 -1.65 -4.85 34.26
CA GLU A 196 -0.99 -3.58 34.60
C GLU A 196 0.49 -3.80 34.91
N PHE A 197 0.81 -4.91 35.59
CA PHE A 197 2.18 -5.33 35.96
C PHE A 197 2.99 -5.59 34.68
N ASP A 198 2.40 -6.34 33.74
CA ASP A 198 2.96 -6.65 32.43
C ASP A 198 3.35 -5.38 31.70
N ILE A 199 2.45 -4.38 31.67
CA ILE A 199 2.68 -3.10 31.01
C ILE A 199 3.86 -2.37 31.62
N PHE A 200 3.92 -2.26 32.94
CA PHE A 200 5.02 -1.59 33.64
C PHE A 200 6.36 -2.31 33.42
N THR A 201 6.35 -3.66 33.48
CA THR A 201 7.56 -4.46 33.30
C THR A 201 8.01 -4.52 31.84
N ARG A 202 7.10 -4.24 30.86
CA ARG A 202 7.47 -4.16 29.44
C ARG A 202 8.17 -2.83 29.18
N LEU A 203 7.62 -1.72 29.72
CA LEU A 203 8.14 -0.36 29.55
C LEU A 203 9.44 -0.09 30.29
N PHE A 204 9.60 -0.66 31.49
CA PHE A 204 10.75 -0.37 32.35
C PHE A 204 11.71 -1.57 32.49
N GLN A 205 11.82 -2.35 31.41
CA GLN A 205 12.74 -3.49 31.25
C GLN A 205 14.19 -2.94 31.16
N PRO A 206 15.24 -3.69 31.58
CA PRO A 206 15.22 -5.03 32.16
C PRO A 206 14.77 -5.04 33.62
N TRP A 207 14.21 -6.18 34.06
CA TRP A 207 13.72 -6.39 35.41
C TRP A 207 14.81 -6.17 36.47
N SER A 208 16.04 -6.64 36.20
CA SER A 208 17.21 -6.57 37.08
C SER A 208 17.51 -5.18 37.66
N SER A 209 17.12 -4.11 36.95
CA SER A 209 17.31 -2.71 37.37
C SER A 209 15.99 -1.93 37.19
N LEU A 210 14.83 -2.60 37.39
CA LEU A 210 13.46 -2.10 37.24
C LEU A 210 13.23 -0.68 37.73
N LEU A 211 13.51 -0.43 39.02
CA LEU A 211 13.26 0.87 39.63
C LEU A 211 14.28 1.92 39.24
N ARG A 212 15.49 1.50 38.87
CA ARG A 212 16.54 2.40 38.39
C ARG A 212 16.14 2.92 37.00
N ASN A 213 15.63 2.02 36.13
CA ASN A 213 15.18 2.37 34.78
C ASN A 213 13.98 3.29 34.89
N TRP A 214 13.02 2.95 35.78
CA TRP A 214 11.82 3.75 36.00
C TRP A 214 12.17 5.14 36.53
N ASN A 215 13.10 5.23 37.49
CA ASN A 215 13.51 6.51 38.06
C ASN A 215 14.23 7.36 37.01
N SER A 216 15.16 6.76 36.25
CA SER A 216 15.92 7.48 35.22
C SER A 216 15.11 7.85 33.98
N LEU A 217 14.00 7.14 33.70
CA LEU A 217 13.19 7.44 32.52
C LEU A 217 11.88 8.14 32.81
N ALA A 218 11.25 7.91 33.97
CA ALA A 218 9.94 8.48 34.28
C ALA A 218 9.89 9.46 35.46
N VAL A 219 10.97 9.57 36.26
CA VAL A 219 10.99 10.47 37.41
C VAL A 219 11.95 11.64 37.21
N THR A 220 13.19 11.37 36.81
CA THR A 220 14.23 12.38 36.63
C THR A 220 14.40 12.86 35.20
N HIS A 221 13.74 12.20 34.22
CA HIS A 221 13.89 12.57 32.82
C HIS A 221 12.95 13.69 32.37
N PRO A 222 13.48 14.85 31.89
CA PRO A 222 12.58 15.94 31.45
C PRO A 222 11.82 15.65 30.15
N GLY A 223 12.23 14.60 29.44
CA GLY A 223 11.62 14.17 28.18
C GLY A 223 10.36 13.34 28.36
N TYR A 224 10.17 12.76 29.57
CA TYR A 224 9.00 11.95 29.92
C TYR A 224 7.73 12.78 29.99
N MET A 225 6.78 12.50 29.09
CA MET A 225 5.49 13.19 28.98
C MET A 225 4.28 12.32 29.34
N ALA A 226 4.53 11.06 29.78
CA ALA A 226 3.53 10.04 30.13
C ALA A 226 2.58 9.81 28.95
N PHE A 227 1.25 9.73 29.18
CA PHE A 227 0.30 9.52 28.09
C PHE A 227 0.04 10.80 27.30
N LEU A 228 0.31 10.75 25.99
CA LEU A 228 0.13 11.87 25.07
C LEU A 228 -0.29 11.39 23.69
N THR A 229 -1.26 12.08 23.07
CA THR A 229 -1.74 11.74 21.73
C THR A 229 -0.71 12.22 20.70
N TYR A 230 -0.69 11.59 19.50
CA TYR A 230 0.20 11.91 18.38
C TYR A 230 0.27 13.42 18.11
N ASP A 231 -0.90 14.09 18.08
CA ASP A 231 -1.03 15.53 17.82
C ASP A 231 -0.37 16.40 18.90
N GLU A 232 -0.53 16.03 20.19
CA GLU A 232 0.05 16.73 21.34
C GLU A 232 1.58 16.76 21.31
N VAL A 233 2.21 15.69 20.79
CA VAL A 233 3.67 15.58 20.64
C VAL A 233 4.15 16.64 19.64
N LYS A 234 3.45 16.77 18.50
CA LYS A 234 3.75 17.77 17.47
C LYS A 234 3.46 19.18 17.99
N ALA A 235 2.41 19.33 18.80
CA ALA A 235 1.99 20.60 19.41
C ALA A 235 3.03 21.11 20.43
N ARG A 236 3.62 20.21 21.24
CA ARG A 236 4.62 20.56 22.24
C ARG A 236 5.99 20.84 21.62
N LEU A 237 6.36 20.10 20.56
CA LEU A 237 7.66 20.26 19.86
C LEU A 237 7.69 21.43 18.87
N GLN A 238 6.54 22.12 18.65
CA GLN A 238 6.43 23.28 17.76
C GLN A 238 7.21 24.48 18.30
N LYS A 239 7.37 24.53 19.64
CA LYS A 239 8.12 25.58 20.35
C LYS A 239 9.61 25.52 20.02
N PHE A 240 10.12 24.29 19.76
CA PHE A 240 11.53 24.03 19.48
C PHE A 240 11.80 23.59 18.01
N ILE A 241 11.22 24.33 17.04
CA ILE A 241 11.38 24.10 15.60
C ILE A 241 12.80 24.48 15.15
N HIS A 242 13.35 25.58 15.72
CA HIS A 242 14.68 26.10 15.39
C HIS A 242 15.79 25.56 16.30
N LYS A 243 15.50 24.44 17.00
CA LYS A 243 16.44 23.77 17.89
C LYS A 243 16.58 22.29 17.46
N PRO A 244 17.46 21.98 16.46
CA PRO A 244 17.61 20.58 16.02
C PRO A 244 18.21 19.68 17.10
N GLY A 245 17.53 18.57 17.36
CA GLY A 245 17.92 17.60 18.38
C GLY A 245 16.95 17.57 19.54
N SER A 246 15.96 18.49 19.55
CA SER A 246 14.92 18.57 20.57
C SER A 246 14.02 17.35 20.46
N TYR A 247 13.77 16.68 21.59
CA TYR A 247 12.97 15.46 21.63
C TYR A 247 12.08 15.34 22.87
N ILE A 248 11.17 14.36 22.82
CA ILE A 248 10.20 14.00 23.86
C ILE A 248 9.82 12.52 23.68
N PHE A 249 9.58 11.82 24.78
CA PHE A 249 9.12 10.43 24.72
C PHE A 249 7.84 10.28 25.52
N ARG A 250 6.91 9.48 25.00
CA ARG A 250 5.59 9.33 25.59
C ARG A 250 5.01 7.90 25.51
N LEU A 251 3.82 7.72 26.10
CA LEU A 251 3.08 6.46 26.11
C LEU A 251 1.84 6.62 25.24
N SER A 252 1.30 5.50 24.74
CA SER A 252 0.13 5.49 23.87
C SER A 252 -0.91 4.55 24.46
N CYS A 253 -2.16 5.03 24.56
CA CYS A 253 -3.28 4.26 25.10
C CYS A 253 -3.69 3.11 24.18
N THR A 254 -3.40 3.23 22.87
CA THR A 254 -3.70 2.20 21.87
C THR A 254 -2.62 1.13 21.88
N ARG A 255 -1.37 1.52 22.16
CA ARG A 255 -0.20 0.65 22.20
C ARG A 255 0.36 0.56 23.61
N LEU A 256 -0.43 0.00 24.56
CA LEU A 256 -0.02 -0.17 25.95
C LEU A 256 1.19 -1.07 26.07
N GLY A 257 2.10 -0.71 26.97
CA GLY A 257 3.34 -1.43 27.20
C GLY A 257 4.46 -1.02 26.27
N GLN A 258 4.15 -0.11 25.32
CA GLN A 258 5.10 0.40 24.32
C GLN A 258 5.37 1.90 24.46
N TRP A 259 6.57 2.31 24.02
CA TRP A 259 7.07 3.68 24.03
C TRP A 259 6.96 4.32 22.65
N ALA A 260 7.00 5.67 22.59
CA ALA A 260 6.97 6.44 21.34
C ALA A 260 7.77 7.73 21.51
N ILE A 261 8.69 8.00 20.58
CA ILE A 261 9.57 9.17 20.62
C ILE A 261 9.20 10.17 19.52
N GLY A 262 9.18 11.45 19.88
CA GLY A 262 8.90 12.57 18.99
C GLY A 262 10.09 13.52 18.98
N TYR A 263 10.66 13.79 17.80
CA TYR A 263 11.86 14.63 17.67
C TYR A 263 11.83 15.62 16.48
N VAL A 264 12.76 16.59 16.47
CA VAL A 264 12.89 17.57 15.39
C VAL A 264 14.17 17.28 14.59
N THR A 265 14.04 17.21 13.26
CA THR A 265 15.13 16.90 12.34
C THR A 265 15.97 18.14 11.98
N ALA A 266 16.93 17.97 11.04
CA ALA A 266 17.81 19.03 10.54
C ALA A 266 17.01 20.16 9.86
N ASP A 267 15.85 19.80 9.28
CA ASP A 267 14.91 20.72 8.61
C ASP A 267 13.75 21.08 9.56
N GLY A 268 13.35 20.12 10.40
CA GLY A 268 12.24 20.26 11.34
C GLY A 268 11.25 19.12 11.17
N ASN A 269 10.09 19.42 10.56
CA ASN A 269 8.97 18.52 10.21
C ASN A 269 8.26 17.82 11.39
N ILE A 270 8.98 17.57 12.51
CA ILE A 270 8.54 16.87 13.73
C ILE A 270 8.19 15.41 13.40
N LEU A 271 9.18 14.50 13.56
CA LEU A 271 9.02 13.08 13.28
C LEU A 271 8.78 12.25 14.54
N GLN A 272 7.97 11.19 14.42
CA GLN A 272 7.63 10.30 15.54
C GLN A 272 7.92 8.83 15.23
N THR A 273 8.78 8.21 16.05
CA THR A 273 9.19 6.80 15.90
C THR A 273 8.88 5.94 17.14
N ILE A 274 8.82 4.62 16.93
CA ILE A 274 8.58 3.62 17.96
C ILE A 274 9.80 2.69 18.04
N PRO A 275 10.46 2.55 19.21
CA PRO A 275 11.63 1.67 19.30
C PRO A 275 11.36 0.18 19.06
N HIS A 276 10.14 -0.30 19.43
CA HIS A 276 9.64 -1.67 19.26
C HIS A 276 10.46 -2.75 20.01
N ASN A 277 9.94 -3.18 21.18
CA ASN A 277 10.43 -4.27 22.04
C ASN A 277 11.91 -4.16 22.51
N LYS A 278 12.56 -2.98 22.31
CA LYS A 278 13.93 -2.72 22.76
C LYS A 278 13.86 -1.80 23.99
N PRO A 279 14.79 -1.86 24.99
CA PRO A 279 14.68 -0.95 26.15
C PRO A 279 14.82 0.51 25.69
N LEU A 280 13.98 1.42 26.23
CA LEU A 280 13.96 2.83 25.84
C LEU A 280 15.32 3.53 25.93
N PHE A 281 16.07 3.31 27.03
CA PHE A 281 17.40 3.92 27.20
C PHE A 281 18.37 3.51 26.09
N GLN A 282 18.23 2.27 25.55
CA GLN A 282 19.06 1.79 24.44
C GLN A 282 18.84 2.64 23.19
N ALA A 283 17.58 3.02 22.91
CA ALA A 283 17.23 3.87 21.76
C ALA A 283 17.62 5.33 22.00
N LEU A 284 17.50 5.81 23.26
CA LEU A 284 17.86 7.18 23.66
C LEU A 284 19.37 7.40 23.61
N ILE A 285 20.16 6.40 24.07
CA ILE A 285 21.63 6.42 24.06
C ILE A 285 22.11 6.37 22.61
N ASP A 286 21.52 5.48 21.79
CA ASP A 286 21.79 5.34 20.35
C ASP A 286 21.51 6.70 19.70
N GLY A 287 20.32 7.24 19.98
CA GLY A 287 19.84 8.53 19.48
C GLY A 287 20.66 9.74 19.88
N PHE A 288 21.37 9.66 21.02
CA PHE A 288 22.21 10.76 21.49
C PHE A 288 23.58 10.76 20.83
N ARG A 289 24.23 9.58 20.71
N ARG A 289 24.20 9.56 20.70
CA ARG A 289 25.58 9.48 20.15
CA ARG A 289 25.51 9.31 20.12
C ARG A 289 25.64 9.83 18.64
C ARG A 289 25.63 9.75 18.65
N GLU A 290 24.49 9.84 17.92
CA GLU A 290 24.50 10.25 16.51
C GLU A 290 23.49 11.44 16.30
N GLY A 291 23.59 12.42 17.20
CA GLY A 291 22.89 13.70 17.25
C GLY A 291 21.41 13.81 16.94
N PHE A 292 20.60 12.78 17.24
CA PHE A 292 19.16 12.87 16.98
C PHE A 292 18.34 13.27 18.22
N TYR A 293 18.63 12.68 19.40
CA TYR A 293 17.93 12.98 20.65
C TYR A 293 18.87 13.68 21.64
N LEU A 294 18.99 15.01 21.51
CA LEU A 294 19.90 15.84 22.30
C LEU A 294 19.26 16.72 23.36
N PHE A 295 18.07 17.28 23.08
CA PHE A 295 17.41 18.19 24.01
C PHE A 295 16.07 17.67 24.53
N PRO A 296 16.02 17.14 25.79
CA PRO A 296 14.73 16.63 26.30
C PRO A 296 13.81 17.78 26.70
N ASP A 297 12.67 17.89 25.98
CA ASP A 297 11.65 18.95 26.11
C ASP A 297 12.27 20.35 25.88
N GLY A 298 13.21 20.40 24.95
CA GLY A 298 13.93 21.61 24.56
C GLY A 298 14.98 22.11 25.54
N ARG A 299 15.22 21.38 26.64
CA ARG A 299 16.20 21.75 27.67
C ARG A 299 17.60 21.43 27.19
N ASN A 300 18.58 22.29 27.53
CA ASN A 300 19.98 22.13 27.13
C ASN A 300 20.67 20.92 27.76
N GLN A 301 20.30 20.60 29.02
CA GLN A 301 20.87 19.48 29.77
C GLN A 301 20.18 18.15 29.45
N ASN A 302 20.95 17.16 28.99
CA ASN A 302 20.46 15.83 28.65
C ASN A 302 20.98 14.80 29.66
N PRO A 303 20.11 13.92 30.21
CA PRO A 303 20.59 12.93 31.18
C PRO A 303 21.44 11.83 30.57
N ASP A 304 22.52 11.47 31.27
CA ASP A 304 23.44 10.40 30.88
C ASP A 304 22.83 9.08 31.37
N LEU A 305 22.51 8.19 30.44
CA LEU A 305 21.88 6.91 30.76
C LEU A 305 22.82 5.70 30.63
N THR A 306 24.16 5.96 30.54
CA THR A 306 25.21 4.95 30.38
C THR A 306 25.20 3.87 31.47
N GLY A 307 24.85 4.25 32.71
CA GLY A 307 24.77 3.35 33.85
C GLY A 307 23.77 2.21 33.71
N LEU A 308 22.70 2.44 32.92
CA LEU A 308 21.65 1.45 32.66
C LEU A 308 22.05 0.46 31.56
N CYS A 309 22.67 0.95 30.49
CA CYS A 309 23.08 0.13 29.36
C CYS A 309 24.51 -0.39 29.51
N GLU A 310 24.63 -1.66 29.88
CA GLU A 310 25.91 -2.34 30.08
C GLU A 310 25.87 -3.67 29.32
N PRO A 311 26.73 -3.92 28.30
CA PRO A 311 26.68 -5.20 27.57
C PRO A 311 26.50 -6.45 28.45
N THR A 312 25.35 -7.13 28.28
CA THR A 312 24.98 -8.33 29.04
C THR A 312 24.93 -9.58 28.17
N PRO A 313 25.23 -10.78 28.72
CA PRO A 313 25.14 -11.99 27.90
C PRO A 313 23.70 -12.38 27.61
N GLN A 314 23.48 -12.92 26.41
CA GLN A 314 22.18 -13.40 25.95
C GLN A 314 21.89 -14.73 26.63
N ASP A 315 20.60 -15.05 26.85
CA ASP A 315 20.17 -16.31 27.47
C ASP A 315 20.51 -17.49 26.56
N HIS A 316 21.08 -18.56 27.13
CA HIS A 316 21.42 -19.75 26.35
C HIS A 316 20.39 -20.86 26.50
N ILE A 317 20.06 -21.53 25.38
CA ILE A 317 19.09 -22.62 25.29
C ILE A 317 19.82 -23.85 24.76
N LYS A 318 19.84 -24.94 25.52
CA LYS A 318 20.50 -26.19 25.09
C LYS A 318 19.48 -27.13 24.44
N VAL A 319 19.79 -27.63 23.22
CA VAL A 319 18.89 -28.56 22.55
C VAL A 319 19.08 -29.96 23.17
N THR A 320 17.95 -30.62 23.47
CA THR A 320 17.88 -31.93 24.10
C THR A 320 18.12 -33.06 23.09
N GLN A 321 18.25 -34.31 23.60
CA GLN A 321 18.44 -35.51 22.76
C GLN A 321 17.18 -35.74 21.93
N GLU A 322 16.00 -35.59 22.56
CA GLU A 322 14.66 -35.73 21.96
C GLU A 322 14.52 -34.80 20.74
N GLN A 323 14.97 -33.53 20.87
CA GLN A 323 14.92 -32.52 19.81
C GLN A 323 15.92 -32.84 18.69
N PHE A 324 17.17 -33.21 19.05
CA PHE A 324 18.23 -33.55 18.08
C PHE A 324 17.80 -34.71 17.19
N GLU A 325 17.31 -35.80 17.80
CA GLU A 325 16.84 -37.02 17.13
C GLU A 325 15.69 -36.69 16.18
N LEU A 326 14.74 -35.84 16.64
CA LEU A 326 13.58 -35.42 15.85
C LEU A 326 13.97 -34.55 14.65
N PTR A 327 14.94 -33.63 14.84
CA PTR A 327 15.42 -32.76 13.78
C PTR A 327 16.24 -33.51 12.74
O PTR A 327 16.23 -33.14 11.57
CB PTR A 327 15.99 -31.43 14.28
CG PTR A 327 14.88 -30.44 14.60
CD1 PTR A 327 14.30 -29.61 13.62
CD2 PTR A 327 14.43 -30.37 15.92
CE1 PTR A 327 13.25 -28.73 13.96
CE2 PTR A 327 13.42 -29.48 16.28
CZ PTR A 327 12.82 -28.65 15.32
OH PTR A 327 11.85 -27.83 15.86
P PTR A 327 11.32 -26.58 15.15
O1P PTR A 327 12.39 -25.63 14.67
O2P PTR A 327 10.50 -25.83 16.20
O3P PTR A 327 10.39 -26.99 14.05
N CYS A 328 16.94 -34.59 13.17
CA CYS A 328 17.76 -35.46 12.32
C CYS A 328 16.91 -36.19 11.27
N GLU A 329 15.66 -36.56 11.63
N GLU A 329 15.67 -36.56 11.64
CA GLU A 329 14.72 -37.23 10.73
CA GLU A 329 14.69 -37.22 10.76
C GLU A 329 14.30 -36.29 9.61
C GLU A 329 14.30 -36.28 9.62
N MET A 330 14.16 -34.99 9.94
CA MET A 330 13.80 -33.89 9.02
C MET A 330 14.95 -33.54 8.07
N GLY A 331 16.18 -33.86 8.46
CA GLY A 331 17.37 -33.52 7.71
C GLY A 331 17.78 -32.08 7.98
N SER A 332 17.62 -31.66 9.25
CA SER A 332 17.91 -30.31 9.72
C SER A 332 18.30 -30.33 11.21
N THR A 333 18.41 -29.14 11.84
CA THR A 333 18.75 -29.00 13.26
C THR A 333 17.67 -28.18 13.95
N PHE A 334 17.61 -28.25 15.29
CA PHE A 334 16.66 -27.46 16.06
C PHE A 334 17.03 -25.98 15.94
N GLN A 335 18.32 -25.65 16.10
CA GLN A 335 18.83 -24.28 16.12
C GLN A 335 18.66 -23.50 14.80
N LEU A 336 18.57 -24.17 13.64
CA LEU A 336 18.41 -23.43 12.39
C LEU A 336 17.06 -22.70 12.32
N CYS A 337 17.06 -21.42 11.87
CA CYS A 337 15.84 -20.63 11.67
C CYS A 337 15.09 -21.28 10.53
N LYS A 338 13.81 -21.57 10.74
CA LYS A 338 12.99 -22.30 9.76
C LYS A 338 12.26 -21.40 8.76
N ILE A 339 12.39 -20.08 8.89
CA ILE A 339 11.78 -19.12 7.96
C ILE A 339 12.75 -18.90 6.77
N CYS A 340 14.04 -18.60 7.06
CA CYS A 340 15.06 -18.36 6.03
C CYS A 340 15.87 -19.58 5.71
N ALA A 341 16.15 -20.42 6.75
CA ALA A 341 17.02 -21.60 6.69
C ALA A 341 18.45 -21.23 6.27
N GLU A 342 18.87 -20.00 6.65
CA GLU A 342 20.20 -19.43 6.36
C GLU A 342 20.98 -19.14 7.63
N ASN A 343 20.27 -18.87 8.73
CA ASN A 343 20.89 -18.56 10.02
C ASN A 343 20.30 -19.40 11.14
N ASP A 344 20.95 -19.38 12.30
CA ASP A 344 20.46 -20.03 13.50
C ASP A 344 19.54 -19.06 14.21
N LYS A 345 18.61 -19.60 14.99
CA LYS A 345 17.64 -18.88 15.83
C LYS A 345 18.43 -18.07 16.87
N ASP A 346 18.25 -16.74 16.90
CA ASP A 346 18.97 -15.88 17.84
C ASP A 346 18.06 -14.84 18.52
N VAL A 347 16.74 -15.04 18.44
CA VAL A 347 15.72 -14.20 19.07
C VAL A 347 14.48 -15.03 19.45
N LYS A 348 13.92 -14.74 20.63
CA LYS A 348 12.73 -15.39 21.18
C LYS A 348 11.57 -14.40 21.23
N ILE A 349 10.40 -14.79 20.69
CA ILE A 349 9.19 -13.97 20.73
C ILE A 349 8.54 -14.20 22.07
N GLU A 350 8.19 -13.12 22.78
CA GLU A 350 7.55 -13.18 24.09
C GLU A 350 6.08 -12.72 23.97
N PRO A 351 5.11 -13.46 24.56
CA PRO A 351 5.26 -14.62 25.44
C PRO A 351 5.09 -16.02 24.80
N CYS A 352 4.78 -16.10 23.48
CA CYS A 352 4.56 -17.40 22.80
C CYS A 352 5.77 -18.34 22.86
N GLY A 353 6.98 -17.78 22.80
CA GLY A 353 8.23 -18.53 22.89
C GLY A 353 8.83 -18.99 21.58
N HIS A 354 8.14 -18.71 20.45
CA HIS A 354 8.62 -19.09 19.13
C HIS A 354 9.93 -18.38 18.78
N LEU A 355 10.86 -19.12 18.14
CA LEU A 355 12.20 -18.64 17.80
C LEU A 355 12.44 -18.58 16.31
N MET A 356 13.25 -17.60 15.90
CA MET A 356 13.69 -17.36 14.52
C MET A 356 14.98 -16.54 14.57
N CYS A 357 15.52 -16.18 13.41
CA CYS A 357 16.69 -15.31 13.38
C CYS A 357 16.18 -13.87 13.38
N THR A 358 16.96 -12.95 13.96
CA THR A 358 16.64 -11.53 14.08
C THR A 358 16.32 -10.88 12.72
N SER A 359 16.96 -11.38 11.65
CA SER A 359 16.81 -10.96 10.27
C SER A 359 15.37 -11.17 9.77
N CYS A 360 14.81 -12.38 9.97
CA CYS A 360 13.45 -12.76 9.60
C CYS A 360 12.44 -12.01 10.44
N LEU A 361 12.79 -11.75 11.72
CA LEU A 361 11.95 -11.00 12.63
C LEU A 361 11.81 -9.55 12.17
N THR A 362 12.94 -8.86 11.94
CA THR A 362 12.99 -7.47 11.46
C THR A 362 12.16 -7.31 10.20
N SER A 363 12.36 -8.19 9.19
CA SER A 363 11.62 -8.17 7.93
C SER A 363 10.13 -8.40 8.11
N TRP A 364 9.76 -9.29 9.04
CA TRP A 364 8.37 -9.60 9.38
C TRP A 364 7.71 -8.37 10.04
N GLN A 365 8.42 -7.72 10.98
CA GLN A 365 7.97 -6.52 11.68
C GLN A 365 7.89 -5.30 10.74
N GLU A 366 8.83 -5.20 9.75
CA GLU A 366 8.90 -4.13 8.74
C GLU A 366 7.66 -4.16 7.85
N SER A 367 7.18 -5.37 7.53
CA SER A 367 6.01 -5.60 6.68
C SER A 367 5.25 -6.82 7.18
N GLU A 368 4.14 -6.57 7.93
CA GLU A 368 3.19 -7.49 8.59
C GLU A 368 2.83 -6.98 9.98
N GLY A 369 3.84 -6.48 10.70
CA GLY A 369 3.66 -5.93 12.04
C GLY A 369 4.14 -6.79 13.18
N GLN A 370 3.65 -6.47 14.40
CA GLN A 370 3.97 -7.12 15.67
C GLN A 370 3.05 -8.31 15.98
N GLY A 371 3.15 -9.33 15.13
CA GLY A 371 2.43 -10.59 15.23
C GLY A 371 3.39 -11.72 14.92
N CYS A 372 3.33 -12.84 15.67
CA CYS A 372 4.21 -13.99 15.48
C CYS A 372 3.97 -14.71 14.15
N PRO A 373 5.04 -14.96 13.35
CA PRO A 373 4.85 -15.66 12.06
C PRO A 373 4.22 -17.06 12.16
N PHE A 374 4.48 -17.79 13.25
CA PHE A 374 3.99 -19.15 13.46
C PHE A 374 2.62 -19.27 14.16
N CYS A 375 2.21 -18.33 15.05
CA CYS A 375 0.92 -18.49 15.76
C CYS A 375 0.04 -17.23 15.83
N ARG A 376 0.43 -16.14 15.13
CA ARG A 376 -0.30 -14.87 15.05
C ARG A 376 -0.40 -14.10 16.38
N CYS A 377 0.16 -14.65 17.49
CA CYS A 377 0.18 -14.00 18.81
C CYS A 377 0.93 -12.69 18.75
N GLU A 378 0.44 -11.69 19.48
CA GLU A 378 1.04 -10.35 19.55
C GLU A 378 2.48 -10.41 20.07
N ILE A 379 3.36 -9.64 19.43
CA ILE A 379 4.76 -9.55 19.86
C ILE A 379 4.80 -8.47 20.96
N LYS A 380 4.58 -8.92 22.20
CA LYS A 380 4.60 -8.03 23.37
C LYS A 380 6.04 -7.67 23.73
N GLY A 381 6.95 -8.58 23.46
CA GLY A 381 8.38 -8.40 23.69
C GLY A 381 9.24 -9.41 22.96
N THR A 382 10.55 -9.13 22.93
CA THR A 382 11.55 -10.00 22.30
C THR A 382 12.76 -10.10 23.24
N GLU A 383 13.57 -11.14 23.06
CA GLU A 383 14.77 -11.35 23.84
C GLU A 383 15.84 -12.03 22.98
N PRO A 384 17.08 -11.47 22.92
CA PRO A 384 18.14 -12.13 22.11
C PRO A 384 18.58 -13.41 22.81
N ILE A 385 18.72 -14.50 22.05
CA ILE A 385 19.11 -15.79 22.63
C ILE A 385 20.17 -16.51 21.82
N VAL A 386 20.78 -17.53 22.43
CA VAL A 386 21.76 -18.38 21.77
C VAL A 386 21.29 -19.81 21.97
N VAL A 387 21.26 -20.59 20.89
CA VAL A 387 20.87 -22.00 20.95
C VAL A 387 22.12 -22.88 20.82
N ASP A 388 22.52 -23.49 21.95
CA ASP A 388 23.67 -24.38 22.04
C ASP A 388 23.33 -25.71 21.40
N PRO A 389 24.01 -26.10 20.29
CA PRO A 389 23.70 -27.38 19.62
C PRO A 389 23.96 -28.62 20.47
N PHE A 390 23.40 -29.76 20.04
CA PHE A 390 23.58 -31.04 20.71
C PHE A 390 24.89 -31.69 20.27
N ASP B 5 -2.13 4.42 9.95
CA ASP B 5 -1.32 5.28 10.79
C ASP B 5 0.10 5.45 10.21
N GLY B 6 0.51 6.70 10.03
CA GLY B 6 1.82 7.04 9.47
C GLY B 6 2.81 7.57 10.49
N PTR B 7 3.70 6.67 10.97
CA PTR B 7 4.74 6.99 11.94
C PTR B 7 6.04 7.36 11.20
O PTR B 7 5.98 8.13 10.24
CB PTR B 7 4.76 5.91 13.06
CG PTR B 7 3.82 6.26 14.22
CD1 PTR B 7 2.40 6.20 14.06
CD2 PTR B 7 4.37 6.64 15.47
CE1 PTR B 7 1.54 6.54 15.12
CE2 PTR B 7 3.52 6.98 16.56
CZ PTR B 7 2.09 6.89 16.40
OH PTR B 7 1.28 7.27 17.45
P PTR B 7 0.44 6.23 18.20
O1P PTR B 7 -0.19 6.93 19.40
O2P PTR B 7 1.31 5.09 18.70
O3P PTR B 7 -0.69 5.71 17.32
N THR B 8 7.21 6.84 11.65
CA THR B 8 8.55 7.08 11.06
C THR B 8 9.51 5.96 11.54
N PRO B 9 10.46 5.46 10.71
CA PRO B 9 11.40 4.44 11.22
C PRO B 9 12.45 5.04 12.17
N GLU B 10 13.16 4.18 12.93
CA GLU B 10 14.18 4.60 13.89
C GLU B 10 15.38 5.29 13.21
N PRO B 11 15.84 6.45 13.72
CA PRO B 11 16.99 7.13 13.08
C PRO B 11 18.33 6.62 13.58
N PRO C 4 -30.22 6.64 -14.16
CA PRO C 4 -30.26 6.83 -15.61
C PRO C 4 -31.20 7.97 -16.04
N GLY C 5 -30.70 9.21 -15.92
CA GLY C 5 -31.45 10.42 -16.24
C GLY C 5 -30.94 11.18 -17.44
N THR C 6 -31.88 11.73 -18.24
CA THR C 6 -31.59 12.51 -19.46
C THR C 6 -30.93 13.85 -19.15
N VAL C 7 -29.88 14.19 -19.93
CA VAL C 7 -29.11 15.43 -19.75
C VAL C 7 -29.80 16.63 -20.41
N ASP C 8 -30.01 17.67 -19.60
CA ASP C 8 -30.62 18.95 -19.99
C ASP C 8 -29.69 20.09 -19.57
N LYS C 9 -29.91 21.31 -20.11
CA LYS C 9 -29.10 22.50 -19.80
C LYS C 9 -29.07 22.85 -18.31
N LYS C 10 -30.14 22.49 -17.55
CA LYS C 10 -30.23 22.71 -16.10
C LYS C 10 -29.16 21.89 -15.37
N MET C 11 -28.96 20.61 -15.78
CA MET C 11 -27.95 19.72 -15.20
C MET C 11 -26.54 20.16 -15.60
N VAL C 12 -26.37 20.60 -16.87
CA VAL C 12 -25.11 21.08 -17.41
C VAL C 12 -24.61 22.34 -16.68
N GLU C 13 -25.52 23.33 -16.49
CA GLU C 13 -25.20 24.58 -15.80
C GLU C 13 -24.95 24.36 -14.32
N LYS C 14 -25.70 23.42 -13.70
CA LYS C 14 -25.53 23.07 -12.28
C LYS C 14 -24.18 22.39 -12.06
N CYS C 15 -23.75 21.54 -13.02
CA CYS C 15 -22.45 20.85 -12.98
C CYS C 15 -21.33 21.87 -13.05
N TRP C 16 -21.47 22.88 -13.93
CA TRP C 16 -20.51 23.98 -14.10
C TRP C 16 -20.36 24.80 -12.82
N LYS C 17 -21.49 25.11 -12.14
CA LYS C 17 -21.50 25.89 -10.88
C LYS C 17 -20.89 25.09 -9.73
N LEU C 18 -21.15 23.77 -9.68
CA LEU C 18 -20.61 22.84 -8.69
C LEU C 18 -19.10 22.74 -8.84
N MET C 19 -18.61 22.69 -10.10
CA MET C 19 -17.19 22.64 -10.44
C MET C 19 -16.50 23.94 -10.01
N ASP C 20 -17.18 25.10 -10.16
CA ASP C 20 -16.70 26.44 -9.76
C ASP C 20 -16.44 26.50 -8.25
N LYS C 21 -17.36 25.90 -7.46
CA LYS C 21 -17.28 25.81 -6.00
C LYS C 21 -16.01 25.04 -5.60
N VAL C 22 -15.77 23.88 -6.26
CA VAL C 22 -14.61 23.01 -6.03
C VAL C 22 -13.31 23.72 -6.40
N VAL C 23 -13.27 24.39 -7.57
CA VAL C 23 -12.11 25.15 -8.03
C VAL C 23 -11.78 26.25 -7.02
N ARG C 24 -12.80 26.95 -6.49
CA ARG C 24 -12.65 28.01 -5.49
C ARG C 24 -12.16 27.47 -4.14
N LEU C 25 -12.60 26.23 -3.77
CA LEU C 25 -12.19 25.57 -2.52
C LEU C 25 -10.73 25.13 -2.58
N CYS C 26 -10.27 24.71 -3.78
CA CYS C 26 -8.90 24.27 -4.02
C CYS C 26 -7.96 25.46 -4.26
N GLN C 27 -8.53 26.66 -4.53
CA GLN C 27 -7.78 27.90 -4.75
C GLN C 27 -7.30 28.53 -3.43
N ASN C 28 -7.61 27.87 -2.28
CA ASN C 28 -7.21 28.32 -0.94
C ASN C 28 -5.68 28.25 -0.79
N PRO C 29 -5.02 29.34 -0.31
CA PRO C 29 -3.55 29.31 -0.19
C PRO C 29 -3.00 28.43 0.93
N LYS C 30 -3.70 28.36 2.10
CA LYS C 30 -3.25 27.57 3.25
C LYS C 30 -3.38 26.04 3.04
N LEU C 31 -3.93 25.63 1.87
CA LEU C 31 -4.07 24.23 1.49
C LEU C 31 -2.75 23.79 0.85
N ALA C 32 -2.15 24.68 0.03
CA ALA C 32 -0.88 24.53 -0.70
C ALA C 32 -0.85 23.30 -1.61
N LEU C 33 -1.46 23.43 -2.81
CA LEU C 33 -1.50 22.37 -3.81
C LEU C 33 -0.34 22.53 -4.78
N LYS C 34 0.55 21.54 -4.82
CA LYS C 34 1.72 21.56 -5.70
C LYS C 34 1.29 21.21 -7.12
N ASN C 35 1.75 22.02 -8.10
CA ASN C 35 1.42 21.86 -9.53
C ASN C 35 2.05 20.61 -10.13
N SER C 36 1.41 19.44 -9.89
CA SER C 36 1.82 18.13 -10.36
C SER C 36 0.59 17.24 -10.60
N PRO C 37 0.57 16.39 -11.65
CA PRO C 37 -0.62 15.54 -11.90
C PRO C 37 -0.88 14.52 -10.79
N PRO C 38 -2.14 14.37 -10.31
CA PRO C 38 -3.37 15.05 -10.76
C PRO C 38 -3.62 16.41 -10.09
N TYR C 39 -3.62 17.48 -10.90
CA TYR C 39 -3.87 18.84 -10.44
C TYR C 39 -5.32 19.22 -10.77
N ILE C 40 -6.17 19.20 -9.74
CA ILE C 40 -7.62 19.48 -9.83
C ILE C 40 -7.93 20.88 -10.37
N LEU C 41 -7.05 21.86 -10.11
CA LEU C 41 -7.20 23.25 -10.59
C LEU C 41 -6.97 23.34 -12.11
N ASP C 42 -6.45 22.25 -12.72
CA ASP C 42 -6.20 22.10 -14.15
C ASP C 42 -7.25 21.17 -14.76
N LEU C 43 -7.56 20.05 -14.08
CA LEU C 43 -8.52 19.03 -14.52
C LEU C 43 -9.95 19.53 -14.73
N LEU C 44 -10.53 20.21 -13.72
CA LEU C 44 -11.89 20.73 -13.80
C LEU C 44 -12.04 21.78 -14.93
N PRO C 45 -11.17 22.82 -15.07
CA PRO C 45 -11.32 23.74 -16.22
C PRO C 45 -11.11 23.07 -17.59
N ASP C 46 -10.37 21.95 -17.63
CA ASP C 46 -10.16 21.19 -18.87
C ASP C 46 -11.40 20.38 -19.20
N THR C 47 -12.14 19.94 -18.16
CA THR C 47 -13.40 19.22 -18.28
C THR C 47 -14.49 20.18 -18.79
N TYR C 48 -14.46 21.46 -18.33
N TYR C 48 -14.47 21.45 -18.34
CA TYR C 48 -15.35 22.55 -18.73
CA TYR C 48 -15.40 22.51 -18.74
C TYR C 48 -15.25 22.73 -20.24
C TYR C 48 -15.27 22.81 -20.24
N GLN C 49 -14.01 22.98 -20.73
CA GLN C 49 -13.66 23.25 -22.12
C GLN C 49 -14.08 22.11 -23.04
N HIS C 50 -13.79 20.86 -22.63
CA HIS C 50 -14.14 19.67 -23.40
C HIS C 50 -15.65 19.41 -23.45
N LEU C 51 -16.39 19.67 -22.35
CA LEU C 51 -17.85 19.49 -22.32
C LEU C 51 -18.54 20.50 -23.23
N ARG C 52 -17.97 21.72 -23.32
CA ARG C 52 -18.46 22.79 -24.19
C ARG C 52 -18.18 22.42 -25.65
N THR C 53 -17.04 21.75 -25.92
CA THR C 53 -16.64 21.27 -27.25
C THR C 53 -17.65 20.24 -27.78
N ILE C 54 -18.15 19.33 -26.90
CA ILE C 54 -19.17 18.33 -27.21
C ILE C 54 -20.50 19.04 -27.51
N LEU C 55 -20.86 20.04 -26.68
CA LEU C 55 -22.10 20.82 -26.83
C LEU C 55 -22.11 21.66 -28.10
N SER C 56 -20.92 22.17 -28.51
CA SER C 56 -20.76 22.98 -29.73
C SER C 56 -20.87 22.11 -30.98
N ARG C 57 -20.43 20.83 -30.89
CA ARG C 57 -20.53 19.88 -32.01
C ARG C 57 -21.97 19.37 -32.13
N TYR C 58 -22.70 19.32 -31.01
CA TYR C 58 -24.08 18.86 -30.93
C TYR C 58 -25.09 20.02 -30.95
N GLU C 59 -24.69 21.16 -31.55
CA GLU C 59 -25.51 22.36 -31.70
C GLU C 59 -26.63 22.03 -32.70
N GLY C 60 -27.86 22.05 -32.22
CA GLY C 60 -29.04 21.69 -33.00
C GLY C 60 -29.41 20.22 -32.83
N LYS C 61 -28.40 19.38 -32.51
CA LYS C 61 -28.53 17.93 -32.29
C LYS C 61 -28.60 17.60 -30.78
N MET C 62 -28.98 18.59 -29.93
CA MET C 62 -29.08 18.46 -28.47
C MET C 62 -29.91 17.25 -28.01
N GLU C 63 -30.98 16.91 -28.75
CA GLU C 63 -31.87 15.77 -28.47
C GLU C 63 -31.11 14.43 -28.53
N THR C 64 -30.14 14.31 -29.45
CA THR C 64 -29.32 13.12 -29.65
C THR C 64 -28.33 12.92 -28.49
N LEU C 65 -27.75 14.03 -27.98
CA LEU C 65 -26.78 14.04 -26.88
C LEU C 65 -27.40 13.66 -25.53
N GLY C 66 -28.57 14.21 -25.22
CA GLY C 66 -29.31 13.94 -23.99
C GLY C 66 -29.82 12.53 -23.86
N GLU C 67 -29.99 11.82 -25.00
CA GLU C 67 -30.47 10.44 -25.09
C GLU C 67 -29.31 9.44 -24.92
N ASN C 68 -28.08 9.85 -25.31
CA ASN C 68 -26.85 9.06 -25.26
C ASN C 68 -26.54 8.49 -23.88
N GLU C 69 -26.49 7.15 -23.77
CA GLU C 69 -26.28 6.40 -22.52
C GLU C 69 -25.00 6.79 -21.77
N TYR C 70 -23.84 6.90 -22.47
CA TYR C 70 -22.57 7.26 -21.83
C TYR C 70 -22.62 8.64 -21.15
N PHE C 71 -23.00 9.68 -21.91
CA PHE C 71 -23.09 11.08 -21.47
C PHE C 71 -23.95 11.25 -20.22
N ARG C 72 -25.11 10.55 -20.17
CA ARG C 72 -26.05 10.55 -19.04
C ARG C 72 -25.37 10.05 -17.77
N VAL C 73 -24.63 8.92 -17.87
CA VAL C 73 -23.86 8.30 -16.78
C VAL C 73 -22.70 9.21 -16.38
N PHE C 74 -22.03 9.84 -17.37
CA PHE C 74 -20.89 10.73 -17.15
C PHE C 74 -21.28 11.93 -16.29
N MET C 75 -22.28 12.72 -16.77
CA MET C 75 -22.79 13.91 -16.10
C MET C 75 -23.32 13.61 -14.69
N GLU C 76 -23.94 12.42 -14.49
CA GLU C 76 -24.45 11.97 -13.18
C GLU C 76 -23.27 11.74 -12.24
N ASN C 77 -22.16 11.14 -12.76
CA ASN C 77 -20.95 10.87 -12.00
C ASN C 77 -20.19 12.17 -11.69
N LEU C 78 -20.13 13.10 -12.66
CA LEU C 78 -19.48 14.40 -12.52
C LEU C 78 -20.17 15.25 -11.44
N MET C 79 -21.52 15.24 -11.41
CA MET C 79 -22.32 15.96 -10.40
C MET C 79 -22.05 15.37 -9.01
N LYS C 80 -22.08 14.03 -8.90
CA LYS C 80 -21.85 13.30 -7.65
C LYS C 80 -20.42 13.49 -7.13
N LYS C 81 -19.40 13.45 -8.03
CA LYS C 81 -17.99 13.60 -7.64
C LYS C 81 -17.64 15.01 -7.20
N THR C 82 -18.22 16.03 -7.86
CA THR C 82 -18.02 17.43 -7.49
C THR C 82 -18.69 17.69 -6.13
N LYS C 83 -19.93 17.19 -5.94
CA LYS C 83 -20.68 17.33 -4.69
C LYS C 83 -19.96 16.62 -3.54
N GLN C 84 -19.36 15.44 -3.83
CA GLN C 84 -18.58 14.64 -2.89
C GLN C 84 -17.38 15.46 -2.39
N THR C 85 -16.71 16.17 -3.32
CA THR C 85 -15.56 17.04 -3.05
C THR C 85 -15.97 18.21 -2.15
N ILE C 86 -17.17 18.79 -2.41
CA ILE C 86 -17.73 19.90 -1.63
C ILE C 86 -18.02 19.43 -0.20
N SER C 87 -18.63 18.23 -0.07
CA SER C 87 -18.96 17.59 1.20
C SER C 87 -17.69 17.30 2.00
N LEU C 88 -16.59 16.93 1.30
CA LEU C 88 -15.29 16.64 1.88
C LEU C 88 -14.70 17.86 2.60
N PHE C 89 -14.65 19.02 1.91
CA PHE C 89 -14.13 20.30 2.46
C PHE C 89 -14.99 20.80 3.62
N LYS C 90 -16.33 20.59 3.54
CA LYS C 90 -17.31 21.00 4.54
C LYS C 90 -17.14 20.22 5.85
N GLU C 91 -16.99 18.88 5.77
CA GLU C 91 -16.82 18.01 6.93
C GLU C 91 -15.38 17.94 7.46
N GLY C 92 -14.41 18.04 6.55
CA GLY C 92 -12.97 18.03 6.85
C GLY C 92 -12.53 19.24 7.64
N LYS C 93 -13.17 20.40 7.37
CA LYS C 93 -12.96 21.70 8.01
C LYS C 93 -11.48 22.15 7.97
N GLU C 94 -10.81 22.18 9.14
CA GLU C 94 -9.41 22.61 9.26
C GLU C 94 -8.41 21.46 9.07
N ARG C 95 -8.87 20.20 9.18
CA ARG C 95 -8.04 19.00 9.00
C ARG C 95 -7.63 18.80 7.53
N MET C 96 -8.20 19.60 6.62
CA MET C 96 -7.94 19.56 5.17
C MET C 96 -6.55 20.07 4.77
N TYR C 97 -5.88 20.84 5.66
CA TYR C 97 -4.58 21.44 5.33
C TYR C 97 -3.38 20.56 5.70
N GLU C 98 -3.54 19.60 6.63
CA GLU C 98 -2.45 18.67 6.98
C GLU C 98 -2.36 17.54 5.96
N GLU C 99 -1.21 17.44 5.26
CA GLU C 99 -0.95 16.46 4.19
C GLU C 99 -0.96 15.00 4.65
N ASN C 100 -0.64 14.73 5.93
CA ASN C 100 -0.60 13.38 6.49
C ASN C 100 -1.93 12.97 7.16
N SER C 101 -3.07 13.25 6.49
CA SER C 101 -4.41 12.95 7.01
C SER C 101 -5.35 12.34 5.97
N GLN C 102 -6.45 11.71 6.46
CA GLN C 102 -7.49 11.08 5.63
C GLN C 102 -8.29 12.10 4.77
N PRO C 103 -8.78 13.26 5.29
CA PRO C 103 -9.50 14.21 4.41
C PRO C 103 -8.66 14.74 3.24
N ARG C 104 -7.34 14.93 3.45
CA ARG C 104 -6.42 15.36 2.41
C ARG C 104 -6.12 14.21 1.44
N ARG C 105 -6.06 12.96 1.96
CA ARG C 105 -5.83 11.74 1.18
C ARG C 105 -7.01 11.49 0.23
N ASN C 106 -8.23 11.81 0.70
CA ASN C 106 -9.48 11.68 -0.06
C ASN C 106 -9.55 12.67 -1.23
N LEU C 107 -8.99 13.89 -1.03
CA LEU C 107 -8.93 14.93 -2.07
C LEU C 107 -8.00 14.49 -3.19
N THR C 108 -6.90 13.78 -2.84
CA THR C 108 -5.95 13.23 -3.80
C THR C 108 -6.63 12.12 -4.59
N LYS C 109 -7.42 11.26 -3.90
CA LYS C 109 -8.18 10.17 -4.50
C LYS C 109 -9.21 10.74 -5.48
N LEU C 110 -10.01 11.73 -5.06
CA LEU C 110 -11.00 12.39 -5.92
C LEU C 110 -10.35 13.06 -7.15
N SER C 111 -9.14 13.66 -6.98
CA SER C 111 -8.36 14.29 -8.05
C SER C 111 -8.00 13.26 -9.13
N LEU C 112 -7.62 12.04 -8.71
CA LEU C 112 -7.27 10.93 -9.60
C LEU C 112 -8.47 10.51 -10.43
N ILE C 113 -9.67 10.44 -9.81
CA ILE C 113 -10.91 10.06 -10.48
C ILE C 113 -11.26 11.09 -11.55
N PHE C 114 -11.17 12.41 -11.21
CA PHE C 114 -11.41 13.51 -12.14
C PHE C 114 -10.47 13.45 -13.34
N SER C 115 -9.22 13.00 -13.11
CA SER C 115 -8.21 12.82 -14.16
C SER C 115 -8.61 11.65 -15.07
N HIS C 116 -9.07 10.53 -14.48
CA HIS C 116 -9.53 9.34 -15.23
C HIS C 116 -10.79 9.64 -16.03
N MET C 117 -11.73 10.41 -15.43
CA MET C 117 -12.99 10.84 -16.04
C MET C 117 -12.71 11.70 -17.27
N LEU C 118 -11.76 12.66 -17.17
CA LEU C 118 -11.34 13.55 -18.26
C LEU C 118 -10.73 12.76 -19.42
N ALA C 119 -9.82 11.81 -19.10
CA ALA C 119 -9.18 10.95 -20.10
C ALA C 119 -10.25 10.13 -20.83
N GLU C 120 -11.20 9.53 -20.07
CA GLU C 120 -12.31 8.72 -20.57
C GLU C 120 -13.22 9.56 -21.48
N LEU C 121 -13.59 10.79 -21.04
CA LEU C 121 -14.42 11.71 -21.81
C LEU C 121 -13.74 12.04 -23.14
N LYS C 122 -12.43 12.38 -23.09
CA LYS C 122 -11.61 12.68 -24.27
C LYS C 122 -11.48 11.43 -25.18
N GLY C 123 -11.47 10.25 -24.59
CA GLY C 123 -11.40 8.99 -25.32
C GLY C 123 -12.68 8.61 -26.04
N ILE C 124 -13.84 8.91 -25.43
CA ILE C 124 -15.16 8.63 -26.01
C ILE C 124 -15.57 9.73 -27.01
N PHE C 125 -15.26 11.00 -26.68
CA PHE C 125 -15.53 12.17 -27.54
C PHE C 125 -14.16 12.79 -27.92
N PRO C 126 -13.43 12.26 -28.94
CA PRO C 126 -12.08 12.80 -29.25
C PRO C 126 -12.03 14.28 -29.64
N SER C 127 -12.96 14.71 -30.51
CA SER C 127 -13.05 16.11 -30.94
C SER C 127 -14.41 16.73 -30.57
N GLY C 128 -15.12 16.05 -29.66
CA GLY C 128 -16.44 16.45 -29.19
C GLY C 128 -17.54 15.59 -29.75
N LEU C 129 -17.21 14.73 -30.74
CA LEU C 129 -18.17 13.81 -31.37
C LEU C 129 -18.00 12.41 -30.81
N PHE C 130 -19.14 11.74 -30.53
CA PHE C 130 -19.22 10.39 -29.97
C PHE C 130 -18.58 9.30 -30.85
N GLN C 131 -17.50 8.68 -30.33
CA GLN C 131 -16.73 7.62 -30.99
C GLN C 131 -16.63 6.34 -30.12
N GLY C 132 -17.50 6.24 -29.11
CA GLY C 132 -17.58 5.10 -28.21
C GLY C 132 -18.05 3.82 -28.89
N ASP C 133 -18.87 3.97 -29.94
CA ASP C 133 -19.40 2.85 -30.73
C ASP C 133 -18.30 2.22 -31.61
N THR C 134 -17.32 3.04 -32.04
CA THR C 134 -16.19 2.60 -32.88
C THR C 134 -14.85 2.76 -32.14
N PHE C 135 -14.86 2.56 -30.80
CA PHE C 135 -13.64 2.66 -29.98
C PHE C 135 -12.66 1.55 -30.33
N ARG C 136 -11.37 1.91 -30.47
CA ARG C 136 -10.31 0.97 -30.83
C ARG C 136 -9.68 0.30 -29.59
N ILE C 137 -10.06 -0.96 -29.32
CA ILE C 137 -9.50 -1.74 -28.21
C ILE C 137 -8.12 -2.24 -28.66
N THR C 138 -7.06 -1.84 -27.92
CA THR C 138 -5.66 -2.14 -28.19
C THR C 138 -5.39 -3.62 -28.47
N LYS C 139 -5.69 -4.50 -27.49
CA LYS C 139 -5.45 -5.94 -27.59
C LYS C 139 -6.57 -6.67 -28.31
N ALA C 140 -6.20 -7.44 -29.36
CA ALA C 140 -7.12 -8.20 -30.23
C ALA C 140 -7.97 -9.22 -29.48
N ASP C 141 -7.35 -9.98 -28.55
CA ASP C 141 -8.02 -11.00 -27.72
C ASP C 141 -9.07 -10.34 -26.82
N ALA C 142 -8.75 -9.15 -26.30
CA ALA C 142 -9.63 -8.33 -25.45
C ALA C 142 -10.73 -7.68 -26.30
N ALA C 143 -10.37 -7.18 -27.50
CA ALA C 143 -11.27 -6.53 -28.46
C ALA C 143 -12.42 -7.45 -28.88
N GLU C 144 -12.13 -8.73 -29.17
CA GLU C 144 -13.14 -9.73 -29.57
C GLU C 144 -14.11 -10.08 -28.43
N PHE C 145 -13.63 -10.09 -27.17
CA PHE C 145 -14.45 -10.37 -25.99
C PHE C 145 -15.57 -9.33 -25.87
N TRP C 146 -15.21 -8.03 -25.85
CA TRP C 146 -16.14 -6.90 -25.72
C TRP C 146 -17.15 -6.89 -26.87
N ARG C 147 -16.71 -7.20 -28.11
CA ARG C 147 -17.57 -7.24 -29.29
C ARG C 147 -18.53 -8.43 -29.28
N LYS C 148 -18.11 -9.56 -28.68
CA LYS C 148 -18.95 -10.76 -28.59
C LYS C 148 -19.94 -10.64 -27.42
N ALA C 149 -19.48 -10.05 -26.29
CA ALA C 149 -20.30 -9.89 -25.08
C ALA C 149 -21.23 -8.69 -25.09
N PHE C 150 -20.75 -7.51 -25.54
CA PHE C 150 -21.55 -6.27 -25.53
C PHE C 150 -21.69 -5.59 -26.91
N GLY C 151 -20.85 -5.98 -27.87
CA GLY C 151 -20.89 -5.45 -29.22
C GLY C 151 -20.44 -4.00 -29.38
N GLU C 152 -21.37 -3.17 -29.87
CA GLU C 152 -21.17 -1.74 -30.14
C GLU C 152 -21.31 -0.86 -28.89
N LYS C 153 -21.69 -1.46 -27.74
CA LYS C 153 -21.89 -0.78 -26.46
C LYS C 153 -20.64 -0.08 -25.94
N THR C 154 -20.81 1.14 -25.39
CA THR C 154 -19.74 1.97 -24.83
C THR C 154 -19.58 1.71 -23.35
N ILE C 155 -20.71 1.71 -22.60
CA ILE C 155 -20.72 1.54 -21.16
C ILE C 155 -21.74 0.48 -20.73
N VAL C 156 -21.33 -0.46 -19.86
CA VAL C 156 -22.18 -1.52 -19.33
C VAL C 156 -22.10 -1.60 -17.80
N PRO C 157 -23.20 -1.93 -17.07
CA PRO C 157 -23.10 -1.99 -15.60
C PRO C 157 -22.16 -3.09 -15.10
N TRP C 158 -21.60 -2.91 -13.87
CA TRP C 158 -20.68 -3.88 -13.25
C TRP C 158 -21.19 -5.31 -13.30
N LYS C 159 -22.44 -5.53 -12.85
CA LYS C 159 -23.09 -6.84 -12.82
C LYS C 159 -23.12 -7.48 -14.21
N SER C 160 -23.38 -6.68 -15.26
CA SER C 160 -23.37 -7.15 -16.66
C SER C 160 -21.95 -7.49 -17.12
N PHE C 161 -20.95 -6.68 -16.70
CA PHE C 161 -19.55 -6.92 -17.05
C PHE C 161 -19.01 -8.18 -16.37
N ARG C 162 -19.29 -8.34 -15.06
CA ARG C 162 -18.89 -9.49 -14.26
C ARG C 162 -19.47 -10.78 -14.85
N GLN C 163 -20.78 -10.78 -15.20
CA GLN C 163 -21.50 -11.92 -15.79
C GLN C 163 -20.83 -12.41 -17.07
N ALA C 164 -20.48 -11.47 -17.96
CA ALA C 164 -19.81 -11.76 -19.23
C ALA C 164 -18.37 -12.19 -19.03
N LEU C 165 -17.65 -11.56 -18.07
CA LEU C 165 -16.26 -11.90 -17.80
C LEU C 165 -16.11 -13.28 -17.15
N HIS C 166 -17.02 -13.65 -16.22
CA HIS C 166 -16.99 -14.94 -15.53
C HIS C 166 -17.02 -16.14 -16.47
N GLU C 167 -17.74 -16.02 -17.61
CA GLU C 167 -17.87 -17.05 -18.64
C GLU C 167 -16.53 -17.36 -19.34
N VAL C 168 -15.64 -16.37 -19.45
CA VAL C 168 -14.33 -16.50 -20.11
C VAL C 168 -13.21 -16.69 -19.07
N HIS C 169 -13.15 -15.79 -18.08
CA HIS C 169 -12.20 -15.80 -16.98
C HIS C 169 -12.99 -15.93 -15.67
N PRO C 170 -13.09 -17.15 -15.10
CA PRO C 170 -13.90 -17.32 -13.88
C PRO C 170 -13.39 -16.52 -12.68
N ILE C 171 -14.34 -15.99 -11.89
CA ILE C 171 -14.08 -15.19 -10.71
C ILE C 171 -14.33 -16.05 -9.47
N SER C 172 -13.23 -16.37 -8.76
CA SER C 172 -13.11 -17.22 -7.57
C SER C 172 -14.16 -17.01 -6.47
N SER C 173 -14.38 -15.75 -6.07
CA SER C 173 -15.30 -15.37 -4.99
C SER C 173 -15.79 -13.93 -5.15
N GLY C 174 -16.72 -13.55 -4.27
CA GLY C 174 -17.26 -12.19 -4.19
C GLY C 174 -16.20 -11.18 -3.78
N LEU C 175 -15.25 -11.61 -2.91
CA LEU C 175 -14.11 -10.80 -2.45
C LEU C 175 -13.24 -10.45 -3.65
N GLU C 176 -12.95 -11.45 -4.52
CA GLU C 176 -12.17 -11.26 -5.74
C GLU C 176 -12.88 -10.31 -6.70
N ALA C 177 -14.21 -10.46 -6.84
CA ALA C 177 -15.06 -9.61 -7.70
C ALA C 177 -14.97 -8.15 -7.26
N MET C 178 -15.06 -7.90 -5.93
CA MET C 178 -14.99 -6.56 -5.36
C MET C 178 -13.60 -5.96 -5.45
N ALA C 179 -12.56 -6.80 -5.34
CA ALA C 179 -11.16 -6.38 -5.49
C ALA C 179 -10.91 -6.03 -6.97
N LEU C 180 -11.50 -6.84 -7.89
CA LEU C 180 -11.40 -6.66 -9.34
C LEU C 180 -12.11 -5.39 -9.77
N LYS C 181 -13.33 -5.16 -9.24
CA LYS C 181 -14.16 -3.98 -9.49
C LYS C 181 -13.39 -2.71 -9.15
N SER C 182 -12.73 -2.66 -7.97
CA SER C 182 -11.96 -1.49 -7.53
C SER C 182 -10.78 -1.15 -8.45
N THR C 183 -10.19 -2.16 -9.11
CA THR C 183 -9.08 -1.95 -10.03
C THR C 183 -9.56 -1.37 -11.38
N ILE C 184 -10.56 -2.01 -12.00
CA ILE C 184 -11.03 -1.61 -13.33
C ILE C 184 -11.91 -0.36 -13.32
N ASP C 185 -12.83 -0.22 -12.33
CA ASP C 185 -13.73 0.95 -12.22
C ASP C 185 -12.96 2.21 -11.74
N LEU C 186 -12.29 2.87 -12.70
CA LEU C 186 -11.48 4.07 -12.49
C LEU C 186 -12.32 5.31 -12.17
N THR C 187 -13.52 5.41 -12.75
CA THR C 187 -14.41 6.56 -12.54
C THR C 187 -15.27 6.41 -11.27
N CYS C 188 -15.24 5.23 -10.60
CA CYS C 188 -15.99 4.90 -9.37
C CYS C 188 -17.50 5.18 -9.51
N ASN C 189 -18.12 4.64 -10.57
CA ASN C 189 -19.54 4.88 -10.84
C ASN C 189 -20.38 3.61 -11.00
N ASP C 190 -19.78 2.43 -10.70
CA ASP C 190 -20.39 1.10 -10.80
C ASP C 190 -20.70 0.68 -12.25
N TYR C 191 -20.15 1.42 -13.22
CA TYR C 191 -20.27 1.14 -14.65
C TYR C 191 -18.87 0.85 -15.21
N ILE C 192 -18.80 -0.02 -16.22
CA ILE C 192 -17.55 -0.37 -16.90
C ILE C 192 -17.62 0.10 -18.35
N SER C 193 -16.78 1.09 -18.69
CA SER C 193 -16.73 1.61 -20.06
C SER C 193 -15.77 0.78 -20.92
N VAL C 194 -15.78 1.03 -22.24
CA VAL C 194 -14.91 0.37 -23.20
C VAL C 194 -13.49 0.93 -23.04
N PHE C 195 -13.39 2.18 -22.53
CA PHE C 195 -12.13 2.88 -22.26
C PHE C 195 -11.42 2.24 -21.05
N GLU C 196 -12.11 2.07 -19.91
CA GLU C 196 -11.59 1.45 -18.69
C GLU C 196 -11.13 0.02 -18.95
N PHE C 197 -11.93 -0.73 -19.75
CA PHE C 197 -11.65 -2.11 -20.15
C PHE C 197 -10.34 -2.18 -20.94
N ASP C 198 -10.12 -1.19 -21.82
CA ASP C 198 -8.90 -1.07 -22.62
C ASP C 198 -7.70 -0.80 -21.71
N ILE C 199 -7.86 0.04 -20.66
CA ILE C 199 -6.78 0.34 -19.71
C ILE C 199 -6.38 -0.95 -18.98
N PHE C 200 -7.37 -1.68 -18.43
CA PHE C 200 -7.20 -2.92 -17.67
C PHE C 200 -6.52 -4.04 -18.46
N THR C 201 -7.02 -4.30 -19.68
CA THR C 201 -6.51 -5.37 -20.53
C THR C 201 -5.10 -5.07 -21.06
N ARG C 202 -4.71 -3.77 -21.10
CA ARG C 202 -3.37 -3.35 -21.51
C ARG C 202 -2.38 -3.61 -20.37
N LEU C 203 -2.74 -3.20 -19.14
CA LEU C 203 -1.91 -3.34 -17.93
C LEU C 203 -1.69 -4.78 -17.52
N PHE C 204 -2.74 -5.62 -17.64
CA PHE C 204 -2.69 -6.99 -17.17
C PHE C 204 -2.62 -8.03 -18.30
N GLN C 205 -1.91 -7.66 -19.38
CA GLN C 205 -1.68 -8.50 -20.55
C GLN C 205 -0.72 -9.67 -20.20
N PRO C 206 -0.82 -10.86 -20.86
CA PRO C 206 -1.77 -11.23 -21.92
C PRO C 206 -3.18 -11.56 -21.42
N TRP C 207 -4.17 -11.44 -22.32
CA TRP C 207 -5.58 -11.73 -22.06
C TRP C 207 -5.80 -13.18 -21.60
N SER C 208 -5.08 -14.15 -22.21
CA SER C 208 -5.18 -15.58 -21.92
C SER C 208 -5.10 -15.92 -20.43
N SER C 209 -4.27 -15.17 -19.69
CA SER C 209 -4.06 -15.36 -18.27
C SER C 209 -4.41 -14.12 -17.44
N LEU C 210 -5.33 -13.27 -17.96
CA LEU C 210 -5.78 -11.98 -17.37
C LEU C 210 -5.90 -11.94 -15.84
N LEU C 211 -6.81 -12.74 -15.24
CA LEU C 211 -7.05 -12.73 -13.80
C LEU C 211 -5.89 -13.31 -12.98
N ARG C 212 -5.05 -14.16 -13.60
CA ARG C 212 -3.87 -14.74 -12.97
C ARG C 212 -2.82 -13.62 -12.90
N ASN C 213 -2.72 -12.81 -13.97
CA ASN C 213 -1.81 -11.67 -14.09
C ASN C 213 -2.18 -10.59 -13.10
N TRP C 214 -3.49 -10.25 -13.03
CA TRP C 214 -4.04 -9.28 -12.10
C TRP C 214 -3.78 -9.67 -10.63
N ASN C 215 -3.98 -10.95 -10.26
CA ASN C 215 -3.71 -11.46 -8.92
C ASN C 215 -2.23 -11.39 -8.57
N SER C 216 -1.36 -11.79 -9.52
CA SER C 216 0.09 -11.80 -9.35
C SER C 216 0.68 -10.40 -9.27
N LEU C 217 0.11 -9.44 -10.01
CA LEU C 217 0.67 -8.08 -10.05
C LEU C 217 0.00 -7.09 -9.11
N ALA C 218 -1.34 -7.08 -9.02
CA ALA C 218 -2.08 -6.10 -8.21
C ALA C 218 -2.60 -6.60 -6.85
N VAL C 219 -2.88 -7.91 -6.71
CA VAL C 219 -3.44 -8.46 -5.47
C VAL C 219 -2.37 -8.93 -4.48
N THR C 220 -1.52 -9.88 -4.88
CA THR C 220 -0.54 -10.54 -4.01
C THR C 220 0.86 -9.92 -4.01
N HIS C 221 1.23 -9.15 -5.06
CA HIS C 221 2.55 -8.53 -5.14
C HIS C 221 2.65 -7.34 -4.17
N PRO C 222 3.64 -7.34 -3.25
CA PRO C 222 3.78 -6.20 -2.32
C PRO C 222 4.22 -4.89 -2.99
N GLY C 223 4.86 -5.01 -4.16
CA GLY C 223 5.36 -3.88 -4.95
C GLY C 223 4.32 -2.96 -5.55
N TYR C 224 3.08 -3.46 -5.72
CA TYR C 224 1.95 -2.70 -6.30
C TYR C 224 1.44 -1.59 -5.39
N MET C 225 1.06 -0.45 -6.00
CA MET C 225 0.51 0.72 -5.31
C MET C 225 -0.84 1.15 -5.95
N ALA C 226 -1.95 0.89 -5.23
CA ALA C 226 -3.33 1.17 -5.67
C ALA C 226 -3.73 2.65 -5.52
N PHE C 227 -4.20 3.26 -6.64
CA PHE C 227 -4.63 4.66 -6.76
C PHE C 227 -3.57 5.64 -6.20
N LEU C 228 -2.30 5.41 -6.58
CA LEU C 228 -1.15 6.20 -6.17
C LEU C 228 -0.54 6.92 -7.36
N THR C 229 -0.08 8.16 -7.15
CA THR C 229 0.49 9.02 -8.19
C THR C 229 2.04 9.19 -8.05
N TYR C 230 2.65 10.06 -8.89
CA TYR C 230 4.09 10.36 -8.92
C TYR C 230 4.62 10.88 -7.59
N ASP C 231 3.90 11.85 -6.98
CA ASP C 231 4.29 12.47 -5.71
C ASP C 231 4.30 11.51 -4.53
N GLU C 232 3.42 10.48 -4.56
CA GLU C 232 3.33 9.46 -3.50
C GLU C 232 4.54 8.52 -3.50
N VAL C 233 5.15 8.28 -4.68
CA VAL C 233 6.33 7.42 -4.86
C VAL C 233 7.56 8.06 -4.22
N LYS C 234 7.67 9.39 -4.33
CA LYS C 234 8.76 10.20 -3.78
C LYS C 234 8.85 10.08 -2.26
N ALA C 235 7.69 10.17 -1.56
CA ALA C 235 7.58 10.07 -0.10
C ALA C 235 7.63 8.63 0.44
N ARG C 236 7.07 7.66 -0.31
CA ARG C 236 7.05 6.24 0.08
C ARG C 236 8.44 5.58 0.03
N LEU C 237 9.20 5.80 -1.06
CA LEU C 237 10.54 5.25 -1.22
C LEU C 237 11.58 5.98 -0.37
N GLN C 238 11.29 7.24 0.05
CA GLN C 238 12.17 8.06 0.89
C GLN C 238 12.55 7.37 2.22
N LYS C 239 11.70 6.43 2.69
CA LYS C 239 11.92 5.63 3.89
C LYS C 239 13.11 4.69 3.68
N PHE C 240 13.22 4.11 2.47
CA PHE C 240 14.29 3.18 2.08
C PHE C 240 15.34 3.88 1.22
N ILE C 241 16.05 4.86 1.83
CA ILE C 241 17.12 5.61 1.16
C ILE C 241 18.31 4.70 0.81
N HIS C 242 18.63 3.77 1.73
CA HIS C 242 19.70 2.78 1.53
C HIS C 242 19.08 1.57 0.80
N LYS C 243 19.44 0.31 1.18
CA LYS C 243 18.96 -0.95 0.60
C LYS C 243 19.03 -0.94 -0.95
N PRO C 244 20.22 -1.17 -1.56
CA PRO C 244 20.32 -1.12 -3.03
C PRO C 244 19.61 -2.27 -3.73
N GLY C 245 18.47 -1.94 -4.35
CA GLY C 245 17.62 -2.88 -5.08
C GLY C 245 16.13 -2.73 -4.82
N SER C 246 15.74 -1.83 -3.89
CA SER C 246 14.34 -1.60 -3.55
C SER C 246 13.57 -0.87 -4.65
N TYR C 247 12.33 -1.34 -4.93
CA TYR C 247 11.47 -0.80 -5.99
C TYR C 247 9.97 -0.90 -5.66
N ILE C 248 9.16 -0.08 -6.34
CA ILE C 248 7.70 -0.06 -6.24
C ILE C 248 7.09 0.30 -7.59
N PHE C 249 6.08 -0.46 -8.05
CA PHE C 249 5.41 -0.17 -9.32
C PHE C 249 3.98 0.31 -9.10
N ARG C 250 3.51 1.21 -9.97
CA ARG C 250 2.17 1.80 -9.90
C ARG C 250 1.64 2.21 -11.29
N LEU C 251 0.37 2.64 -11.34
CA LEU C 251 -0.28 3.10 -12.56
C LEU C 251 0.08 4.57 -12.81
N SER C 252 0.10 4.98 -14.10
CA SER C 252 0.39 6.35 -14.50
C SER C 252 -0.90 7.06 -14.87
N CYS C 253 -1.18 8.22 -14.26
CA CYS C 253 -2.41 8.96 -14.55
C CYS C 253 -2.35 9.72 -15.87
N THR C 254 -1.16 10.24 -16.24
CA THR C 254 -0.98 10.97 -17.51
C THR C 254 -0.88 9.98 -18.67
N ARG C 255 -0.21 8.84 -18.42
CA ARG C 255 -0.02 7.76 -19.39
C ARG C 255 -0.82 6.53 -18.91
N LEU C 256 -2.17 6.62 -18.97
CA LEU C 256 -3.07 5.54 -18.54
C LEU C 256 -2.89 4.29 -19.40
N GLY C 257 -2.92 3.14 -18.74
CA GLY C 257 -2.73 1.84 -19.37
C GLY C 257 -1.29 1.39 -19.29
N GLN C 258 -0.43 2.25 -18.71
CA GLN C 258 1.00 2.01 -18.57
C GLN C 258 1.46 1.94 -17.12
N TRP C 259 2.50 1.14 -16.88
CA TRP C 259 3.11 0.92 -15.59
C TRP C 259 4.29 1.86 -15.36
N ALA C 260 4.50 2.29 -14.11
CA ALA C 260 5.60 3.16 -13.71
C ALA C 260 6.38 2.52 -12.55
N ILE C 261 7.58 2.00 -12.84
CA ILE C 261 8.45 1.37 -11.86
C ILE C 261 9.42 2.40 -11.26
N GLY C 262 9.27 2.64 -9.96
CA GLY C 262 10.11 3.58 -9.22
C GLY C 262 11.10 2.87 -8.33
N TYR C 263 12.36 2.73 -8.82
CA TYR C 263 13.43 2.06 -8.09
C TYR C 263 14.44 3.04 -7.46
N VAL C 264 15.07 2.60 -6.35
CA VAL C 264 16.01 3.34 -5.49
C VAL C 264 17.32 3.81 -6.14
N THR C 265 17.95 2.98 -7.03
CA THR C 265 19.26 3.19 -7.68
C THR C 265 20.40 2.98 -6.65
N ALA C 266 21.63 2.69 -7.14
CA ALA C 266 22.80 2.47 -6.28
C ALA C 266 23.30 3.77 -5.62
N ASP C 267 23.11 4.92 -6.30
CA ASP C 267 23.53 6.25 -5.86
C ASP C 267 22.54 6.97 -4.93
N GLY C 268 21.37 6.37 -4.70
CA GLY C 268 20.34 6.91 -3.82
C GLY C 268 19.42 7.96 -4.42
N ASN C 269 19.36 8.03 -5.76
CA ASN C 269 18.51 8.96 -6.50
C ASN C 269 17.21 8.25 -6.91
N ILE C 270 16.05 8.80 -6.52
CA ILE C 270 14.76 8.23 -6.84
C ILE C 270 14.29 8.65 -8.24
N LEU C 271 13.97 7.65 -9.09
CA LEU C 271 13.50 7.88 -10.46
C LEU C 271 12.46 6.85 -10.91
N GLN C 272 11.40 7.34 -11.59
CA GLN C 272 10.28 6.53 -12.09
C GLN C 272 10.44 6.22 -13.59
N THR C 273 10.61 4.93 -13.91
CA THR C 273 10.82 4.41 -15.27
C THR C 273 9.54 3.74 -15.83
N ILE C 274 9.32 3.84 -17.15
CA ILE C 274 8.14 3.26 -17.82
C ILE C 274 8.56 2.20 -18.86
N PRO C 275 8.24 0.90 -18.64
CA PRO C 275 8.57 -0.12 -19.67
C PRO C 275 7.53 -0.07 -20.79
N HIS C 276 7.91 0.47 -21.95
CA HIS C 276 7.02 0.69 -23.08
C HIS C 276 6.62 -0.60 -23.83
N ASN C 277 7.50 -1.12 -24.71
CA ASN C 277 7.24 -2.31 -25.52
C ASN C 277 7.58 -3.65 -24.82
N LYS C 278 7.26 -3.75 -23.52
CA LYS C 278 7.48 -4.93 -22.70
C LYS C 278 6.34 -5.13 -21.70
N PRO C 279 5.83 -6.37 -21.50
CA PRO C 279 4.80 -6.58 -20.46
C PRO C 279 5.43 -6.51 -19.07
N LEU C 280 4.63 -6.27 -18.01
CA LEU C 280 5.17 -6.12 -16.65
C LEU C 280 5.92 -7.37 -16.16
N PHE C 281 5.52 -8.59 -16.60
CA PHE C 281 6.19 -9.84 -16.25
C PHE C 281 7.64 -9.82 -16.69
N GLN C 282 7.88 -9.52 -18.00
CA GLN C 282 9.20 -9.45 -18.60
C GLN C 282 10.07 -8.39 -17.91
N ALA C 283 9.51 -7.18 -17.68
CA ALA C 283 10.20 -6.07 -17.04
C ALA C 283 10.67 -6.39 -15.61
N LEU C 284 9.84 -7.12 -14.84
CA LEU C 284 10.12 -7.51 -13.45
C LEU C 284 11.03 -8.74 -13.33
N ILE C 285 10.94 -9.68 -14.30
CA ILE C 285 11.77 -10.89 -14.32
C ILE C 285 13.19 -10.55 -14.75
N ASP C 286 13.33 -9.84 -15.90
CA ASP C 286 14.61 -9.39 -16.45
C ASP C 286 15.33 -8.41 -15.52
N GLY C 287 14.53 -7.57 -14.83
CA GLY C 287 15.04 -6.58 -13.88
C GLY C 287 15.59 -7.20 -12.61
N PHE C 288 15.06 -8.38 -12.22
CA PHE C 288 15.51 -9.10 -11.03
C PHE C 288 16.80 -9.88 -11.34
N ARG C 289 16.86 -10.51 -12.53
CA ARG C 289 18.01 -11.28 -13.01
C ARG C 289 19.23 -10.39 -13.24
N GLU C 290 19.01 -9.15 -13.69
CA GLU C 290 20.07 -8.15 -13.93
C GLU C 290 20.53 -7.52 -12.62
N GLY C 291 19.60 -7.31 -11.68
CA GLY C 291 19.89 -6.75 -10.36
C GLY C 291 19.45 -5.32 -10.14
N PHE C 292 18.34 -4.92 -10.78
CA PHE C 292 17.79 -3.56 -10.65
C PHE C 292 16.52 -3.51 -9.80
N TYR C 293 15.64 -4.52 -9.94
CA TYR C 293 14.40 -4.64 -9.17
C TYR C 293 14.49 -5.89 -8.29
N LEU C 294 15.00 -5.72 -7.05
CA LEU C 294 15.24 -6.83 -6.12
C LEU C 294 14.34 -6.87 -4.88
N PHE C 295 13.98 -5.69 -4.32
CA PHE C 295 13.18 -5.63 -3.09
C PHE C 295 11.85 -4.87 -3.26
N PRO C 296 10.67 -5.55 -3.25
CA PRO C 296 9.41 -4.82 -3.43
C PRO C 296 8.97 -4.12 -2.14
N ASP C 297 8.98 -2.77 -2.16
CA ASP C 297 8.66 -1.88 -1.03
C ASP C 297 9.54 -2.22 0.20
N GLY C 298 10.84 -2.38 -0.06
CA GLY C 298 11.85 -2.69 0.95
C GLY C 298 11.89 -4.10 1.50
N ARG C 299 10.90 -4.96 1.14
CA ARG C 299 10.81 -6.35 1.59
C ARG C 299 11.93 -7.19 0.98
N ASN C 300 12.65 -7.96 1.81
CA ASN C 300 13.77 -8.80 1.36
C ASN C 300 13.32 -9.92 0.41
N GLN C 301 12.12 -10.50 0.64
CA GLN C 301 11.56 -11.56 -0.20
C GLN C 301 10.88 -10.98 -1.45
N ASN C 302 11.39 -11.35 -2.64
CA ASN C 302 10.89 -10.92 -3.94
C ASN C 302 10.02 -12.03 -4.56
N PRO C 303 8.84 -11.70 -5.16
CA PRO C 303 8.00 -12.75 -5.76
C PRO C 303 8.57 -13.33 -7.05
N ASP C 304 8.42 -14.66 -7.23
CA ASP C 304 8.87 -15.36 -8.43
C ASP C 304 7.69 -15.38 -9.41
N LEU C 305 7.82 -14.64 -10.53
CA LEU C 305 6.78 -14.49 -11.56
C LEU C 305 7.07 -15.31 -12.83
N THR C 306 8.17 -16.08 -12.83
CA THR C 306 8.62 -16.93 -13.94
C THR C 306 7.56 -17.91 -14.45
N GLY C 307 6.72 -18.40 -13.53
CA GLY C 307 5.62 -19.33 -13.84
C GLY C 307 4.54 -18.73 -14.71
N LEU C 308 4.48 -17.39 -14.78
CA LEU C 308 3.53 -16.63 -15.58
C LEU C 308 4.15 -16.11 -16.88
N CYS C 309 5.49 -16.26 -17.06
CA CYS C 309 6.24 -15.82 -18.23
C CYS C 309 5.83 -16.58 -19.51
N GLU C 310 6.15 -17.89 -19.59
CA GLU C 310 5.85 -18.82 -20.69
C GLU C 310 6.22 -18.29 -22.09
N PRO C 311 7.41 -18.65 -22.63
CA PRO C 311 7.79 -18.17 -23.99
C PRO C 311 6.77 -18.57 -25.05
N THR C 312 6.19 -17.56 -25.72
CA THR C 312 5.19 -17.75 -26.76
C THR C 312 5.71 -17.31 -28.13
N PRO C 313 5.35 -18.04 -29.23
CA PRO C 313 5.81 -17.62 -30.55
C PRO C 313 5.06 -16.39 -31.04
N GLN C 314 5.72 -15.62 -31.90
CA GLN C 314 5.15 -14.40 -32.48
C GLN C 314 4.07 -14.78 -33.51
N ASP C 315 3.16 -13.84 -33.79
CA ASP C 315 2.15 -14.00 -34.83
C ASP C 315 2.87 -13.88 -36.17
N HIS C 316 2.46 -14.68 -37.14
CA HIS C 316 3.08 -14.65 -38.46
C HIS C 316 2.16 -14.02 -39.47
N ILE C 317 2.74 -13.30 -40.42
CA ILE C 317 2.04 -12.68 -41.54
C ILE C 317 2.84 -12.89 -42.80
N LYS C 318 2.19 -13.38 -43.86
CA LYS C 318 2.87 -13.63 -45.12
C LYS C 318 2.58 -12.48 -46.08
N VAL C 319 3.61 -12.06 -46.83
CA VAL C 319 3.47 -10.98 -47.82
C VAL C 319 2.86 -11.58 -49.09
N THR C 320 1.82 -10.93 -49.62
CA THR C 320 1.10 -11.34 -50.83
C THR C 320 1.86 -10.94 -52.09
N GLN C 321 1.46 -11.49 -53.25
CA GLN C 321 2.06 -11.22 -54.56
C GLN C 321 1.98 -9.73 -54.90
N GLU C 322 0.84 -9.08 -54.61
CA GLU C 322 0.59 -7.65 -54.84
C GLU C 322 1.55 -6.80 -54.00
N GLN C 323 1.77 -7.20 -52.73
CA GLN C 323 2.69 -6.53 -51.81
C GLN C 323 4.12 -6.70 -52.33
N PHE C 324 4.49 -7.96 -52.68
CA PHE C 324 5.79 -8.33 -53.23
C PHE C 324 6.13 -7.55 -54.51
N GLU C 325 5.12 -7.38 -55.40
CA GLU C 325 5.28 -6.64 -56.66
C GLU C 325 5.55 -5.16 -56.42
N LEU C 326 4.74 -4.51 -55.57
CA LEU C 326 4.89 -3.10 -55.21
C LEU C 326 6.25 -2.82 -54.56
N PTR C 327 6.73 -3.77 -53.73
CA PTR C 327 8.03 -3.66 -53.07
C PTR C 327 9.18 -3.78 -54.07
O PTR C 327 10.18 -3.08 -53.92
CB PTR C 327 8.16 -4.30 -51.70
CG PTR C 327 7.46 -3.46 -50.66
CD1 PTR C 327 8.15 -2.41 -49.98
CD2 PTR C 327 6.10 -3.74 -50.37
CE1 PTR C 327 7.44 -1.65 -49.03
CE2 PTR C 327 5.42 -3.00 -49.41
CZ PTR C 327 6.09 -1.97 -48.70
OH PTR C 327 5.29 -1.31 -47.80
P PTR C 327 5.87 -0.61 -46.54
O1P PTR C 327 6.20 0.76 -47.08
O2P PTR C 327 4.76 -0.54 -45.47
O3P PTR C 327 7.08 -1.19 -45.87
N CYS C 328 9.02 -4.64 -55.10
CA CYS C 328 10.02 -4.80 -56.16
C CYS C 328 10.17 -3.49 -56.94
N GLU C 329 9.05 -2.78 -57.21
CA GLU C 329 9.04 -1.48 -57.91
C GLU C 329 9.95 -0.43 -57.26
N MET C 330 10.12 -0.50 -55.92
CA MET C 330 10.98 0.41 -55.16
C MET C 330 12.39 -0.18 -54.91
N GLY C 331 12.58 -1.43 -55.32
CA GLY C 331 13.84 -2.16 -55.15
C GLY C 331 14.09 -2.56 -53.71
N SER C 332 13.06 -3.14 -53.08
CA SER C 332 13.08 -3.58 -51.68
C SER C 332 12.05 -4.69 -51.44
N THR C 333 11.85 -5.08 -50.17
CA THR C 333 10.89 -6.11 -49.78
C THR C 333 9.95 -5.54 -48.75
N PHE C 334 8.73 -6.09 -48.65
CA PHE C 334 7.74 -5.67 -47.66
C PHE C 334 8.21 -5.91 -46.24
N GLN C 335 8.88 -7.05 -46.00
CA GLN C 335 9.32 -7.47 -44.67
C GLN C 335 10.42 -6.60 -44.07
N LEU C 336 11.16 -5.82 -44.88
CA LEU C 336 12.25 -4.98 -44.38
C LEU C 336 11.78 -3.71 -43.67
N CYS C 337 12.41 -3.37 -42.51
CA CYS C 337 12.12 -2.15 -41.77
C CYS C 337 12.58 -1.00 -42.67
N LYS C 338 11.75 0.01 -42.85
CA LYS C 338 12.08 1.10 -43.76
C LYS C 338 12.72 2.30 -43.05
N ILE C 339 12.87 2.22 -41.72
CA ILE C 339 13.50 3.26 -40.92
C ILE C 339 15.01 3.06 -40.90
N CYS C 340 15.48 1.82 -40.69
CA CYS C 340 16.90 1.46 -40.69
C CYS C 340 17.32 0.79 -41.99
N ALA C 341 16.41 0.03 -42.64
CA ALA C 341 16.65 -0.76 -43.85
C ALA C 341 17.87 -1.71 -43.69
N GLU C 342 18.05 -2.19 -42.45
CA GLU C 342 19.14 -3.06 -42.01
C GLU C 342 18.62 -4.36 -41.40
N ASN C 343 17.35 -4.37 -40.99
CA ASN C 343 16.70 -5.51 -40.35
C ASN C 343 15.27 -5.66 -40.85
N ASP C 344 14.68 -6.85 -40.68
CA ASP C 344 13.29 -7.09 -41.04
C ASP C 344 12.37 -6.65 -39.89
N LYS C 345 11.11 -6.32 -40.24
CA LYS C 345 10.03 -5.90 -39.36
C LYS C 345 9.75 -7.00 -38.33
N ASP C 346 9.71 -6.63 -37.04
CA ASP C 346 9.47 -7.61 -35.97
C ASP C 346 8.57 -7.09 -34.84
N VAL C 347 7.93 -5.92 -35.03
CA VAL C 347 6.99 -5.32 -34.07
C VAL C 347 5.85 -4.60 -34.77
N LYS C 348 4.62 -4.89 -34.33
CA LYS C 348 3.41 -4.24 -34.83
C LYS C 348 2.97 -3.23 -33.77
N ILE C 349 2.72 -1.98 -34.18
CA ILE C 349 2.24 -0.95 -33.27
C ILE C 349 0.72 -1.02 -33.19
N GLU C 350 0.17 -0.99 -31.97
CA GLU C 350 -1.27 -1.03 -31.73
C GLU C 350 -1.72 0.37 -31.26
N PRO C 351 -2.82 0.94 -31.82
CA PRO C 351 -3.76 0.39 -32.81
C PRO C 351 -3.45 0.65 -34.30
N CYS C 352 -2.43 1.50 -34.61
CA CYS C 352 -2.01 1.91 -35.96
C CYS C 352 -1.89 0.76 -36.97
N GLY C 353 -1.30 -0.35 -36.52
CA GLY C 353 -1.05 -1.53 -37.34
C GLY C 353 0.27 -1.46 -38.06
N HIS C 354 1.01 -0.33 -37.90
CA HIS C 354 2.30 -0.07 -38.54
C HIS C 354 3.38 -1.03 -38.08
N LEU C 355 4.25 -1.41 -39.01
CA LEU C 355 5.33 -2.37 -38.79
C LEU C 355 6.69 -1.74 -38.96
N MET C 356 7.63 -2.15 -38.09
CA MET C 356 9.03 -1.71 -38.08
C MET C 356 9.83 -2.68 -37.21
N CYS C 357 11.16 -2.45 -37.07
CA CYS C 357 11.97 -3.28 -36.19
C CYS C 357 12.00 -2.66 -34.79
N THR C 358 12.12 -3.50 -33.76
CA THR C 358 12.12 -3.16 -32.34
C THR C 358 13.19 -2.12 -31.97
N SER C 359 14.40 -2.22 -32.58
CA SER C 359 15.53 -1.31 -32.37
C SER C 359 15.26 0.12 -32.84
N CYS C 360 14.50 0.27 -33.95
CA CYS C 360 14.10 1.57 -34.50
C CYS C 360 12.99 2.15 -33.63
N LEU C 361 12.10 1.27 -33.14
CA LEU C 361 10.97 1.62 -32.28
C LEU C 361 11.42 2.18 -30.93
N THR C 362 12.34 1.46 -30.23
CA THR C 362 12.89 1.87 -28.93
C THR C 362 13.61 3.22 -29.01
N SER C 363 14.49 3.40 -30.02
CA SER C 363 15.23 4.67 -30.21
C SER C 363 14.29 5.84 -30.52
N TRP C 364 13.14 5.56 -31.17
CA TRP C 364 12.12 6.57 -31.49
C TRP C 364 11.38 6.96 -30.21
N GLN C 365 11.07 5.98 -29.37
CA GLN C 365 10.34 6.19 -28.11
C GLN C 365 11.12 7.00 -27.07
N GLU C 366 12.45 6.92 -27.07
CA GLU C 366 13.27 7.66 -26.12
C GLU C 366 13.62 9.09 -26.59
N SER C 367 13.83 9.27 -27.91
CA SER C 367 14.21 10.57 -28.49
C SER C 367 13.04 11.40 -29.07
N GLU C 368 11.90 10.77 -29.40
CA GLU C 368 10.78 11.49 -30.01
C GLU C 368 9.49 11.49 -29.18
N GLY C 369 9.10 10.33 -28.66
CA GLY C 369 7.89 10.24 -27.86
C GLY C 369 7.08 8.97 -28.02
N GLN C 370 5.84 8.99 -27.51
CA GLN C 370 4.91 7.86 -27.49
C GLN C 370 3.96 7.78 -28.70
N GLY C 371 4.36 8.38 -29.82
CA GLY C 371 3.62 8.36 -31.08
C GLY C 371 4.39 7.56 -32.12
N CYS C 372 3.68 6.94 -33.10
CA CYS C 372 4.37 6.18 -34.15
C CYS C 372 5.08 7.09 -35.14
N PRO C 373 6.22 6.66 -35.72
CA PRO C 373 6.92 7.52 -36.69
C PRO C 373 6.16 7.73 -37.99
N PHE C 374 5.42 6.73 -38.50
CA PHE C 374 4.69 6.85 -39.76
C PHE C 374 3.47 7.79 -39.62
N CYS C 375 2.59 7.52 -38.64
CA CYS C 375 1.47 8.39 -38.27
C CYS C 375 1.66 8.72 -36.81
N ARG C 376 1.39 9.95 -36.40
CA ARG C 376 1.61 10.36 -35.01
C ARG C 376 0.62 9.76 -33.97
N CYS C 377 -0.07 8.64 -34.31
CA CYS C 377 -1.00 7.93 -33.41
C CYS C 377 -0.27 7.47 -32.14
N GLU C 378 -0.94 7.54 -30.99
CA GLU C 378 -0.32 7.11 -29.75
C GLU C 378 -0.12 5.60 -29.73
N ILE C 379 1.07 5.16 -29.27
CA ILE C 379 1.42 3.76 -29.16
C ILE C 379 0.82 3.27 -27.85
N LYS C 380 -0.35 2.62 -27.94
CA LYS C 380 -1.08 2.07 -26.80
C LYS C 380 -0.55 0.68 -26.45
N GLY C 381 -0.20 -0.09 -27.48
CA GLY C 381 0.34 -1.43 -27.35
C GLY C 381 1.31 -1.80 -28.45
N THR C 382 2.06 -2.89 -28.25
CA THR C 382 3.02 -3.42 -29.22
C THR C 382 2.94 -4.92 -29.20
N GLU C 383 2.95 -5.55 -30.39
CA GLU C 383 2.92 -7.00 -30.50
C GLU C 383 4.08 -7.49 -31.36
N PRO C 384 4.92 -8.42 -30.86
CA PRO C 384 6.04 -8.92 -31.68
C PRO C 384 5.54 -9.78 -32.82
N ILE C 385 6.15 -9.64 -34.00
CA ILE C 385 5.74 -10.40 -35.18
C ILE C 385 6.89 -10.97 -35.99
N VAL C 386 6.55 -11.83 -36.95
CA VAL C 386 7.46 -12.42 -37.89
C VAL C 386 6.84 -12.22 -39.26
N VAL C 387 7.51 -11.47 -40.13
CA VAL C 387 6.99 -11.26 -41.48
C VAL C 387 7.63 -12.32 -42.37
N ASP C 388 6.82 -13.31 -42.78
CA ASP C 388 7.29 -14.38 -43.66
C ASP C 388 7.30 -13.89 -45.11
N PRO C 389 8.45 -14.01 -45.83
CA PRO C 389 8.50 -13.52 -47.21
C PRO C 389 7.69 -14.33 -48.21
N PHE C 390 7.41 -13.74 -49.39
CA PHE C 390 6.67 -14.38 -50.46
C PHE C 390 7.57 -15.37 -51.21
N SER D 4 10.66 16.01 -21.74
CA SER D 4 11.11 16.82 -20.61
C SER D 4 10.26 16.61 -19.33
N ASP D 5 9.61 15.44 -19.23
CA ASP D 5 8.76 15.03 -18.11
C ASP D 5 9.58 14.48 -16.92
N GLY D 6 8.88 14.16 -15.83
CA GLY D 6 9.48 13.60 -14.62
C GLY D 6 9.88 12.14 -14.71
N PTR D 7 9.56 11.49 -15.85
CA PTR D 7 9.88 10.08 -16.11
C PTR D 7 11.20 9.95 -16.88
O PTR D 7 11.41 10.66 -17.88
CB PTR D 7 8.72 9.28 -16.76
CG PTR D 7 7.44 9.34 -15.93
CD1 PTR D 7 6.44 10.31 -16.25
CD2 PTR D 7 7.24 8.45 -14.86
CE1 PTR D 7 5.25 10.38 -15.51
CE2 PTR D 7 6.05 8.53 -14.10
CZ PTR D 7 5.03 9.48 -14.41
OH PTR D 7 3.92 9.42 -13.57
P PTR D 7 2.67 10.29 -13.80
O1P PTR D 7 2.97 11.79 -13.70
O2P PTR D 7 2.03 9.96 -15.12
O3P PTR D 7 1.63 9.95 -12.73
N THR D 8 12.07 9.04 -16.43
CA THR D 8 13.40 8.77 -17.00
C THR D 8 13.44 7.39 -17.70
N PRO D 9 14.37 7.14 -18.67
CA PRO D 9 14.40 5.82 -19.33
C PRO D 9 14.91 4.68 -18.43
N GLU D 10 14.32 3.48 -18.61
CA GLU D 10 14.63 2.25 -17.86
C GLU D 10 16.06 1.71 -18.11
N PRO D 11 16.72 1.03 -17.13
CA PRO D 11 18.08 0.52 -17.38
C PRO D 11 18.13 -0.85 -18.07
N ALA D 12 19.35 -1.33 -18.41
CA ALA D 12 19.58 -2.61 -19.06
C ALA D 12 20.74 -3.39 -18.41
N SER E 5 -1.02 -40.29 -3.25
CA SER E 5 0.13 -41.11 -3.61
C SER E 5 1.16 -41.15 -2.48
N MET E 6 1.69 -39.96 -2.10
CA MET E 6 2.70 -39.82 -1.05
C MET E 6 2.20 -38.98 0.12
N HIS E 7 3.00 -38.92 1.21
CA HIS E 7 2.69 -38.13 2.39
C HIS E 7 3.77 -37.10 2.65
N ILE E 8 3.38 -35.85 2.96
CA ILE E 8 4.29 -34.77 3.34
C ILE E 8 3.88 -34.24 4.70
N PHE E 9 4.81 -33.59 5.41
CA PHE E 9 4.50 -33.04 6.73
C PHE E 9 4.54 -31.52 6.74
N VAL E 10 3.58 -30.90 7.46
CA VAL E 10 3.48 -29.45 7.58
C VAL E 10 3.58 -29.05 9.05
N LYS E 11 4.71 -28.44 9.43
CA LYS E 11 4.99 -27.98 10.78
C LYS E 11 4.39 -26.60 11.02
N THR E 12 3.55 -26.48 12.05
CA THR E 12 2.85 -25.25 12.41
C THR E 12 3.13 -24.85 13.86
N GLY E 13 2.78 -23.61 14.20
CA GLY E 13 2.89 -23.07 15.54
C GLY E 13 1.53 -22.94 16.21
N ILE E 14 0.46 -23.43 15.54
CA ILE E 14 -0.92 -23.37 15.99
C ILE E 14 -1.49 -24.74 16.45
N GLY E 15 -0.73 -25.81 16.27
CA GLY E 15 -1.14 -27.15 16.68
C GLY E 15 -0.16 -28.27 16.32
N PRO E 16 -0.60 -29.55 16.40
CA PRO E 16 0.30 -30.66 16.05
C PRO E 16 0.64 -30.72 14.56
N ILE E 17 1.69 -31.49 14.21
CA ILE E 17 2.19 -31.64 12.84
C ILE E 17 1.13 -32.24 11.91
N ILE E 18 0.89 -31.55 10.78
CA ILE E 18 -0.11 -31.91 9.78
C ILE E 18 0.49 -32.89 8.76
N SER E 19 -0.12 -34.06 8.64
CA SER E 19 0.27 -35.07 7.65
C SER E 19 -0.75 -34.95 6.50
N LEU E 20 -0.26 -34.75 5.26
CA LEU E 20 -1.16 -34.60 4.10
C LEU E 20 -0.91 -35.66 3.04
N GLU E 21 -2.01 -36.21 2.48
CA GLU E 21 -1.97 -37.18 1.39
C GLU E 21 -1.92 -36.37 0.09
N VAL E 22 -0.78 -36.45 -0.63
CA VAL E 22 -0.55 -35.63 -1.83
C VAL E 22 0.08 -36.40 -3.00
N GLU E 23 0.16 -35.72 -4.16
CA GLU E 23 0.77 -36.18 -5.41
C GLU E 23 1.77 -35.10 -5.87
N PRO E 24 2.88 -35.44 -6.58
CA PRO E 24 3.82 -34.38 -7.03
C PRO E 24 3.18 -33.35 -7.97
N SER E 25 2.14 -33.78 -8.72
CA SER E 25 1.39 -32.96 -9.68
C SER E 25 0.50 -31.89 -9.02
N ASP E 26 0.32 -31.97 -7.68
CA ASP E 26 -0.51 -31.02 -6.92
C ASP E 26 0.14 -29.65 -6.82
N THR E 27 -0.67 -28.60 -7.05
CA THR E 27 -0.25 -27.20 -6.96
C THR E 27 -0.12 -26.80 -5.49
N ILE E 28 0.53 -25.64 -5.23
CA ILE E 28 0.68 -25.09 -3.87
C ILE E 28 -0.68 -24.66 -3.32
N GLU E 29 -1.60 -24.24 -4.23
CA GLU E 29 -2.98 -23.84 -3.93
C GLU E 29 -3.77 -25.04 -3.41
N ASN E 30 -3.59 -26.23 -4.04
CA ASN E 30 -4.23 -27.48 -3.65
C ASN E 30 -3.80 -27.89 -2.24
N VAL E 31 -2.50 -27.76 -1.94
CA VAL E 31 -1.92 -28.07 -0.64
C VAL E 31 -2.48 -27.15 0.44
N LYS E 32 -2.62 -25.85 0.12
CA LYS E 32 -3.18 -24.83 1.02
C LYS E 32 -4.65 -25.12 1.36
N ALA E 33 -5.41 -25.61 0.36
CA ALA E 33 -6.81 -26.01 0.50
C ALA E 33 -6.91 -27.28 1.36
N LYS E 34 -5.90 -28.18 1.29
CA LYS E 34 -5.83 -29.41 2.08
C LYS E 34 -5.54 -29.08 3.56
N ILE E 35 -4.80 -27.98 3.80
CA ILE E 35 -4.51 -27.46 5.14
C ILE E 35 -5.78 -26.81 5.67
N GLN E 36 -6.56 -26.16 4.77
CA GLN E 36 -7.84 -25.51 5.08
C GLN E 36 -8.86 -26.58 5.52
N ASP E 37 -8.79 -27.80 4.94
CA ASP E 37 -9.67 -28.92 5.32
C ASP E 37 -9.21 -29.55 6.66
N LYS E 38 -8.01 -29.18 7.14
CA LYS E 38 -7.42 -29.71 8.38
C LYS E 38 -7.48 -28.76 9.57
N GLU E 39 -7.20 -27.46 9.35
CA GLU E 39 -7.18 -26.45 10.42
C GLU E 39 -8.16 -25.29 10.23
N GLY E 40 -8.76 -25.21 9.04
CA GLY E 40 -9.73 -24.15 8.71
C GLY E 40 -9.08 -22.82 8.38
N ILE E 41 -7.74 -22.81 8.19
CA ILE E 41 -6.97 -21.62 7.89
C ILE E 41 -7.22 -21.17 6.45
N PRO E 42 -7.54 -19.86 6.21
CA PRO E 42 -7.76 -19.40 4.84
C PRO E 42 -6.48 -19.49 4.01
N PRO E 43 -6.53 -20.09 2.79
CA PRO E 43 -5.30 -20.23 1.98
C PRO E 43 -4.56 -18.93 1.67
N ASP E 44 -5.29 -17.81 1.51
CA ASP E 44 -4.73 -16.49 1.22
C ASP E 44 -3.91 -15.93 2.39
N GLN E 45 -4.02 -16.58 3.57
CA GLN E 45 -3.29 -16.23 4.79
C GLN E 45 -2.11 -17.19 5.01
N GLN E 46 -2.08 -18.30 4.27
CA GLN E 46 -1.02 -19.30 4.40
C GLN E 46 0.19 -18.96 3.55
N ARG E 47 1.38 -19.17 4.12
CA ARG E 47 2.66 -19.01 3.44
C ARG E 47 3.47 -20.25 3.75
N LEU E 48 3.70 -21.09 2.73
CA LEU E 48 4.45 -22.33 2.89
C LEU E 48 5.92 -22.15 2.61
N ILE E 49 6.75 -22.78 3.45
CA ILE E 49 8.21 -22.70 3.38
C ILE E 49 8.82 -24.10 3.28
N PHE E 50 9.72 -24.31 2.31
CA PHE E 50 10.46 -25.55 2.15
C PHE E 50 11.93 -25.21 2.13
N VAL E 51 12.64 -25.56 3.22
CA VAL E 51 14.06 -25.27 3.47
C VAL E 51 14.36 -23.78 3.17
N GLY E 52 13.58 -22.90 3.80
CA GLY E 52 13.68 -21.46 3.71
C GLY E 52 13.25 -20.81 2.40
N LYS E 53 12.53 -21.55 1.55
CA LYS E 53 12.07 -21.07 0.25
C LYS E 53 10.55 -20.94 0.25
N GLN E 54 10.03 -19.72 0.02
CA GLN E 54 8.60 -19.48 -0.03
C GLN E 54 7.98 -20.10 -1.28
N LEU E 55 6.95 -20.94 -1.08
CA LEU E 55 6.28 -21.66 -2.15
C LEU E 55 5.23 -20.80 -2.85
N GLU E 56 5.34 -20.67 -4.18
CA GLU E 56 4.43 -19.88 -5.01
C GLU E 56 3.20 -20.70 -5.42
N ASP E 57 2.00 -20.13 -5.20
CA ASP E 57 0.67 -20.70 -5.47
C ASP E 57 0.49 -21.39 -6.84
N GLY E 58 1.02 -20.79 -7.90
CA GLY E 58 0.92 -21.31 -9.26
C GLY E 58 1.70 -22.58 -9.53
N ARG E 59 2.91 -22.70 -8.95
CA ARG E 59 3.83 -23.84 -9.10
C ARG E 59 3.29 -25.14 -8.45
N THR E 60 3.94 -26.28 -8.73
CA THR E 60 3.58 -27.59 -8.18
C THR E 60 4.66 -28.13 -7.23
N LEU E 61 4.34 -29.22 -6.50
CA LEU E 61 5.23 -29.88 -5.53
C LEU E 61 6.51 -30.42 -6.16
N SER E 62 6.40 -31.02 -7.38
CA SER E 62 7.52 -31.59 -8.12
C SER E 62 8.52 -30.53 -8.59
N ASP E 63 8.04 -29.28 -8.83
CA ASP E 63 8.86 -28.15 -9.27
C ASP E 63 9.89 -27.73 -8.20
N TYR E 64 9.55 -27.86 -6.92
CA TYR E 64 10.40 -27.50 -5.78
C TYR E 64 11.19 -28.70 -5.23
N ASN E 65 11.10 -29.87 -5.91
CA ASN E 65 11.72 -31.14 -5.52
C ASN E 65 11.21 -31.64 -4.15
N ILE E 66 9.91 -31.40 -3.85
CA ILE E 66 9.25 -31.83 -2.62
C ILE E 66 8.83 -33.29 -2.80
N ARG E 67 9.62 -34.19 -2.23
CA ARG E 67 9.42 -35.64 -2.32
C ARG E 67 8.67 -36.18 -1.08
N LYS E 68 8.52 -37.53 -0.97
CA LYS E 68 7.84 -38.20 0.14
C LYS E 68 8.53 -37.91 1.49
N ALA E 69 7.71 -37.70 2.55
CA ALA E 69 8.09 -37.38 3.94
C ALA E 69 8.85 -36.04 4.09
N SER E 70 8.72 -35.12 3.12
CA SER E 70 9.35 -33.80 3.18
C SER E 70 8.58 -32.92 4.16
N TYR E 71 9.32 -32.11 4.93
CA TYR E 71 8.77 -31.22 5.95
C TYR E 71 8.69 -29.78 5.45
N LEU E 72 7.48 -29.24 5.45
CA LEU E 72 7.14 -27.86 5.07
C LEU E 72 6.77 -27.10 6.33
N TYR E 73 7.08 -25.80 6.36
CA TYR E 73 6.74 -24.95 7.48
C TYR E 73 5.62 -24.01 7.10
N LEU E 74 4.73 -23.75 8.06
CA LEU E 74 3.59 -22.87 7.85
C LEU E 74 3.74 -21.55 8.58
N VAL E 75 3.71 -20.47 7.80
CA VAL E 75 3.79 -19.09 8.25
C VAL E 75 2.43 -18.43 7.95
N LEU E 76 1.92 -17.57 8.86
CA LEU E 76 0.58 -16.97 8.74
C LEU E 76 0.58 -15.45 8.53
N ARG E 77 0.01 -15.01 7.38
N ARG E 77 -0.06 -14.98 7.43
CA ARG E 77 -0.16 -13.63 6.90
CA ARG E 77 -0.21 -13.57 7.03
C ARG E 77 1.13 -12.81 7.00
C ARG E 77 1.15 -12.89 6.81
N GLY F 4 17.12 16.60 -63.33
CA GLY F 4 16.37 17.71 -63.90
C GLY F 4 14.88 17.48 -63.86
N SER F 5 14.42 16.34 -64.42
CA SER F 5 13.02 15.93 -64.46
C SER F 5 12.83 14.63 -63.66
N MET F 6 13.34 14.62 -62.42
CA MET F 6 13.23 13.47 -61.53
C MET F 6 11.83 13.37 -60.96
N HIS F 7 11.24 12.17 -61.01
CA HIS F 7 9.89 11.87 -60.56
C HIS F 7 9.98 11.01 -59.28
N ILE F 8 10.58 11.59 -58.20
CA ILE F 8 10.78 10.88 -56.92
C ILE F 8 9.46 10.68 -56.16
N PHE F 9 9.42 9.63 -55.32
CA PHE F 9 8.24 9.28 -54.53
C PHE F 9 8.53 9.35 -53.03
N VAL F 10 7.55 9.82 -52.25
CA VAL F 10 7.66 9.90 -50.80
C VAL F 10 6.50 9.09 -50.20
N LYS F 11 6.80 7.92 -49.63
CA LYS F 11 5.82 7.05 -49.00
C LYS F 11 5.57 7.50 -47.57
N THR F 12 4.29 7.72 -47.21
CA THR F 12 3.87 8.18 -45.88
C THR F 12 2.90 7.21 -45.22
N GLY F 13 2.73 7.36 -43.91
CA GLY F 13 1.80 6.55 -43.13
C GLY F 13 0.50 7.28 -42.83
N ILE F 14 0.35 8.52 -43.34
CA ILE F 14 -0.83 9.38 -43.12
C ILE F 14 -1.78 9.46 -44.32
N GLY F 15 -1.30 9.13 -45.51
CA GLY F 15 -2.11 9.18 -46.72
C GLY F 15 -1.52 8.52 -47.96
N PRO F 16 -2.03 8.89 -49.16
CA PRO F 16 -1.51 8.29 -50.40
C PRO F 16 -0.09 8.72 -50.72
N ILE F 17 0.62 7.90 -51.51
CA ILE F 17 1.99 8.17 -51.94
C ILE F 17 2.06 9.42 -52.80
N ILE F 18 2.97 10.32 -52.44
CA ILE F 18 3.12 11.58 -53.16
C ILE F 18 4.36 11.57 -54.05
N SER F 19 4.17 12.04 -55.30
CA SER F 19 5.21 12.13 -56.33
C SER F 19 5.63 13.59 -56.47
N LEU F 20 6.96 13.82 -56.53
CA LEU F 20 7.53 15.16 -56.61
C LEU F 20 8.45 15.34 -57.82
N GLU F 21 8.37 16.54 -58.45
CA GLU F 21 9.22 16.91 -59.58
C GLU F 21 10.43 17.62 -58.97
N VAL F 22 11.61 16.98 -59.02
CA VAL F 22 12.82 17.54 -58.41
C VAL F 22 14.04 17.50 -59.34
N GLU F 23 15.14 18.10 -58.88
CA GLU F 23 16.44 18.17 -59.54
C GLU F 23 17.51 17.64 -58.56
N PRO F 24 18.61 16.97 -59.02
CA PRO F 24 19.63 16.50 -58.07
C PRO F 24 20.31 17.62 -57.27
N SER F 25 20.18 18.87 -57.77
CA SER F 25 20.71 20.09 -57.17
C SER F 25 19.84 20.56 -55.99
N ASP F 26 18.60 20.02 -55.87
CA ASP F 26 17.66 20.35 -54.80
C ASP F 26 18.13 19.83 -53.46
N THR F 27 17.94 20.64 -52.42
CA THR F 27 18.30 20.30 -51.04
C THR F 27 17.14 19.53 -50.42
N ILE F 28 17.39 18.90 -49.27
CA ILE F 28 16.35 18.16 -48.53
C ILE F 28 15.28 19.14 -48.04
N GLU F 29 15.69 20.38 -47.68
CA GLU F 29 14.82 21.47 -47.24
C GLU F 29 13.77 21.80 -48.31
N ASN F 30 14.18 21.81 -49.59
CA ASN F 30 13.31 22.07 -50.75
C ASN F 30 12.29 20.95 -50.94
N VAL F 31 12.70 19.68 -50.67
CA VAL F 31 11.81 18.52 -50.75
C VAL F 31 10.77 18.62 -49.63
N LYS F 32 11.23 18.98 -48.41
CA LYS F 32 10.39 19.18 -47.24
C LYS F 32 9.39 20.32 -47.44
N ALA F 33 9.76 21.34 -48.26
CA ALA F 33 8.90 22.46 -48.61
C ALA F 33 7.81 21.99 -49.58
N LYS F 34 8.15 21.05 -50.50
CA LYS F 34 7.23 20.46 -51.47
C LYS F 34 6.20 19.57 -50.79
N ILE F 35 6.62 18.86 -49.72
CA ILE F 35 5.74 18.00 -48.91
C ILE F 35 4.77 18.86 -48.10
N GLN F 36 5.25 20.04 -47.62
CA GLN F 36 4.45 21.02 -46.86
C GLN F 36 3.33 21.55 -47.77
N ASP F 37 3.61 21.75 -49.07
CA ASP F 37 2.65 22.23 -50.05
C ASP F 37 1.54 21.19 -50.32
N LYS F 38 1.91 19.89 -50.30
CA LYS F 38 0.97 18.80 -50.61
C LYS F 38 0.17 18.32 -49.40
N GLU F 39 0.85 17.94 -48.30
CA GLU F 39 0.21 17.37 -47.10
C GLU F 39 -0.05 18.38 -45.94
N GLY F 40 0.50 19.59 -46.05
CA GLY F 40 0.34 20.64 -45.04
C GLY F 40 1.07 20.36 -43.73
N ILE F 41 2.28 19.78 -43.82
CA ILE F 41 3.10 19.43 -42.66
C ILE F 41 4.35 20.32 -42.58
N PRO F 42 4.61 21.02 -41.44
CA PRO F 42 5.81 21.88 -41.37
C PRO F 42 7.12 21.11 -41.51
N PRO F 43 8.12 21.64 -42.26
CA PRO F 43 9.39 20.90 -42.45
C PRO F 43 10.12 20.47 -41.18
N ASP F 44 9.96 21.21 -40.06
CA ASP F 44 10.59 20.88 -38.78
C ASP F 44 9.99 19.62 -38.12
N GLN F 45 8.79 19.22 -38.55
CA GLN F 45 8.08 18.02 -38.08
C GLN F 45 8.40 16.84 -39.02
N GLN F 46 8.93 17.13 -40.21
CA GLN F 46 9.28 16.14 -41.22
C GLN F 46 10.66 15.55 -41.00
N ARG F 47 10.78 14.25 -41.25
CA ARG F 47 12.04 13.51 -41.17
C ARG F 47 12.03 12.53 -42.33
N LEU F 48 12.97 12.72 -43.27
CA LEU F 48 13.05 11.91 -44.48
C LEU F 48 14.13 10.85 -44.42
N ILE F 49 13.84 9.69 -45.03
CA ILE F 49 14.71 8.51 -45.02
C ILE F 49 14.79 7.89 -46.42
N PHE F 50 16.00 7.50 -46.83
CA PHE F 50 16.25 6.85 -48.11
C PHE F 50 17.18 5.67 -47.88
N VAL F 51 16.60 4.44 -47.94
CA VAL F 51 17.29 3.17 -47.72
C VAL F 51 18.04 3.18 -46.35
N GLY F 52 17.33 3.64 -45.32
CA GLY F 52 17.83 3.73 -43.95
C GLY F 52 18.71 4.92 -43.61
N LYS F 53 19.07 5.75 -44.62
N LYS F 53 19.07 5.74 -44.62
CA LYS F 53 19.90 6.93 -44.44
CA LYS F 53 19.89 6.93 -44.42
C LYS F 53 19.02 8.13 -44.09
C LYS F 53 19.03 8.13 -44.09
N GLN F 54 19.26 8.74 -42.91
CA GLN F 54 18.53 9.92 -42.44
C GLN F 54 19.10 11.12 -43.20
N LEU F 55 18.23 11.85 -43.90
CA LEU F 55 18.61 12.97 -44.75
C LEU F 55 18.72 14.28 -44.00
N GLU F 56 19.91 14.89 -44.06
CA GLU F 56 20.23 16.16 -43.42
C GLU F 56 19.77 17.34 -44.28
N ASP F 57 19.20 18.36 -43.62
CA ASP F 57 18.64 19.59 -44.21
C ASP F 57 19.58 20.35 -45.16
N GLY F 58 20.86 20.46 -44.78
CA GLY F 58 21.86 21.20 -45.56
C GLY F 58 22.41 20.55 -46.82
N ARG F 59 22.23 19.21 -46.95
CA ARG F 59 22.75 18.44 -48.10
C ARG F 59 21.77 18.35 -49.28
N THR F 60 22.27 17.89 -50.45
CA THR F 60 21.51 17.73 -51.69
C THR F 60 21.16 16.25 -51.96
N LEU F 61 20.37 15.99 -53.03
CA LEU F 61 19.96 14.65 -53.43
C LEU F 61 21.12 13.85 -54.01
N SER F 62 22.04 14.53 -54.73
CA SER F 62 23.22 13.92 -55.35
C SER F 62 24.21 13.34 -54.33
N ASP F 63 24.33 14.00 -53.16
CA ASP F 63 25.20 13.59 -52.05
C ASP F 63 24.77 12.25 -51.45
N TYR F 64 23.44 12.00 -51.44
CA TYR F 64 22.81 10.78 -50.94
C TYR F 64 22.58 9.76 -52.06
N ASN F 65 22.89 10.14 -53.31
CA ASN F 65 22.74 9.35 -54.55
C ASN F 65 21.26 9.02 -54.83
N ILE F 66 20.37 10.00 -54.60
CA ILE F 66 18.93 9.91 -54.86
C ILE F 66 18.77 10.06 -56.38
N ARG F 67 18.27 9.01 -57.05
N ARG F 67 18.27 9.01 -57.05
CA ARG F 67 18.08 8.99 -58.50
CA ARG F 67 18.08 8.99 -58.50
C ARG F 67 16.61 9.08 -58.93
C ARG F 67 16.61 9.08 -58.93
N LYS F 68 16.33 8.82 -60.22
CA LYS F 68 14.99 8.86 -60.83
C LYS F 68 14.11 7.76 -60.22
N ALA F 69 12.85 8.11 -59.88
CA ALA F 69 11.83 7.24 -59.28
C ALA F 69 12.25 6.65 -57.91
N SER F 70 13.16 7.35 -57.19
CA SER F 70 13.63 6.92 -55.88
C SER F 70 12.52 7.06 -54.85
N TYR F 71 12.40 6.05 -53.98
CA TYR F 71 11.38 6.03 -52.95
C TYR F 71 11.96 6.45 -51.61
N LEU F 72 11.40 7.52 -51.06
CA LEU F 72 11.76 8.08 -49.77
C LEU F 72 10.66 7.76 -48.78
N TYR F 73 11.01 7.73 -47.49
CA TYR F 73 10.05 7.46 -46.42
C TYR F 73 9.98 8.66 -45.49
N LEU F 74 8.76 9.03 -45.14
CA LEU F 74 8.52 10.16 -44.26
C LEU F 74 8.04 9.75 -42.88
N VAL F 75 8.81 10.14 -41.85
CA VAL F 75 8.46 9.94 -40.45
C VAL F 75 8.15 11.32 -39.83
N LEU F 76 7.17 11.38 -38.93
CA LEU F 76 6.66 12.63 -38.38
C LEU F 76 6.99 12.90 -36.93
N ARG F 77 7.22 14.20 -36.61
CA ARG F 77 7.57 14.80 -35.32
C ARG F 77 8.95 14.33 -34.87
ZN ZN G . 15.72 -16.71 9.43
ZN ZN H . 4.52 -17.56 18.21
CA CA I . -5.51 -0.69 39.01
ZN ZN J . 14.66 -0.84 -38.14
ZN ZN K . 1.42 4.28 -37.13
CA CA L . -16.60 3.06 -14.17
#